data_3ED8
#
_entry.id   3ED8
#
_cell.length_a   123.040
_cell.length_b   123.040
_cell.length_c   247.710
_cell.angle_alpha   90.00
_cell.angle_beta   90.00
_cell.angle_gamma   90.00
#
_symmetry.space_group_name_H-M   'P 43 21 2'
#
loop_
_entity.id
_entity.type
_entity.pdbx_description
1 polymer 'yellow fluorescence protein'
2 water water
#
_entity_poly.entity_id   1
_entity_poly.type   'polypeptide(L)'
_entity_poly.pdbx_seq_one_letter_code
;VSKGEELFTGVVPILVELDGDVNGHKFSVRGEGEGDATIGKLTLKFICTTGKLPVPWPTLVTTL(CRO)LQCFARYPDHM
KQHDFFKSAMPEGYVQERTISFKDDGKYKTRAVVKFEGDTLVNRIELKGTDFKEDGNILGHKLEYNFNSHNVYITATRGT
AAARPACKIPNDLKQKVMNHDKQKNGIKANFTVRHNVEDGSVQLADHYQQNTPIGDGPVLLPDNHYLSYQTVLSKDPNEK
RDHMVLLEFVTAAGITLGMDELYK
;
_entity_poly.pdbx_strand_id   A,B,C,D,E
#
# COMPACT_ATOMS: atom_id res chain seq x y z
N SER A 2 9.39 22.68 -9.70
CA SER A 2 9.82 23.64 -8.62
C SER A 2 9.75 25.13 -9.05
N LYS A 3 10.09 25.43 -10.31
CA LYS A 3 9.94 26.79 -10.90
C LYS A 3 8.50 27.04 -11.38
N GLY A 4 7.92 26.02 -12.01
CA GLY A 4 6.52 26.00 -12.43
C GLY A 4 5.62 25.98 -11.21
N GLU A 5 6.11 25.41 -10.13
CA GLU A 5 5.46 25.47 -8.83
C GLU A 5 4.98 26.89 -8.52
N GLU A 6 5.83 27.86 -8.81
CA GLU A 6 5.54 29.28 -8.56
C GLU A 6 4.27 29.77 -9.26
N LEU A 7 3.89 29.13 -10.37
CA LEU A 7 2.74 29.55 -11.15
C LEU A 7 1.43 29.20 -10.50
N PHE A 8 1.46 28.38 -9.45
CA PHE A 8 0.24 27.88 -8.85
C PHE A 8 0.07 28.31 -7.39
N THR A 9 0.77 29.34 -6.96
CA THR A 9 0.59 29.80 -5.58
C THR A 9 -0.76 30.44 -5.24
N GLY A 10 -1.51 30.91 -6.24
CA GLY A 10 -2.85 31.46 -6.00
C GLY A 10 -3.93 30.86 -6.88
N VAL A 11 -5.06 31.55 -6.99
CA VAL A 11 -6.16 31.08 -7.84
C VAL A 11 -5.81 31.25 -9.34
N VAL A 12 -5.95 30.20 -10.13
CA VAL A 12 -5.64 30.28 -11.55
C VAL A 12 -6.86 30.11 -12.50
N PRO A 13 -7.13 31.10 -13.37
CA PRO A 13 -8.27 30.92 -14.31
C PRO A 13 -7.98 29.83 -15.34
N ILE A 14 -9.01 29.07 -15.74
CA ILE A 14 -8.88 27.93 -16.65
C ILE A 14 -9.85 28.02 -17.81
N LEU A 15 -9.38 27.69 -19.02
CA LEU A 15 -10.21 27.49 -20.21
C LEU A 15 -10.12 26.02 -20.63
N VAL A 16 -11.22 25.44 -21.11
CA VAL A 16 -11.23 24.07 -21.60
C VAL A 16 -11.98 23.98 -22.94
N GLU A 17 -11.33 23.41 -23.95
CA GLU A 17 -11.97 23.12 -25.21
C GLU A 17 -11.79 21.66 -25.63
N LEU A 18 -12.90 20.95 -25.83
CA LEU A 18 -12.88 19.60 -26.38
C LEU A 18 -13.64 19.50 -27.68
N ASP A 19 -13.02 18.88 -28.66
CA ASP A 19 -13.72 18.52 -29.90
C ASP A 19 -13.72 17.01 -30.00
N GLY A 20 -14.88 16.43 -30.29
CA GLY A 20 -15.02 14.99 -30.30
C GLY A 20 -15.72 14.40 -31.48
N ASP A 21 -15.47 13.10 -31.66
CA ASP A 21 -16.20 12.27 -32.59
C ASP A 21 -16.42 10.93 -31.90
N VAL A 22 -17.68 10.57 -31.68
CA VAL A 22 -17.97 9.26 -31.16
C VAL A 22 -18.80 8.48 -32.13
N ASN A 23 -18.25 7.37 -32.61
CA ASN A 23 -18.96 6.55 -33.57
C ASN A 23 -19.46 7.45 -34.68
N GLY A 24 -18.59 8.32 -35.21
CA GLY A 24 -19.04 9.33 -36.18
C GLY A 24 -19.86 10.58 -35.77
N HIS A 25 -20.59 10.56 -34.64
CA HIS A 25 -21.24 11.77 -34.09
C HIS A 25 -20.25 12.85 -33.63
N LYS A 26 -20.11 13.95 -34.40
CA LYS A 26 -19.26 15.10 -34.04
C LYS A 26 -19.88 16.02 -32.99
N PHE A 27 -19.07 16.48 -32.04
CA PHE A 27 -19.61 17.36 -31.01
C PHE A 27 -18.51 18.20 -30.34
N SER A 28 -18.87 19.31 -29.71
CA SER A 28 -17.89 20.16 -29.07
C SER A 28 -18.29 20.58 -27.67
N VAL A 29 -17.31 20.62 -26.77
CA VAL A 29 -17.53 21.15 -25.42
C VAL A 29 -16.62 22.32 -25.08
N ARG A 30 -17.18 23.32 -24.39
CA ARG A 30 -16.34 24.44 -23.92
C ARG A 30 -16.64 24.70 -22.46
N GLY A 31 -15.60 25.00 -21.69
CA GLY A 31 -15.78 25.26 -20.28
C GLY A 31 -14.74 26.22 -19.74
N GLU A 32 -15.07 26.88 -18.62
CA GLU A 32 -14.10 27.74 -17.92
C GLU A 32 -14.26 27.57 -16.42
N GLY A 33 -13.27 28.01 -15.66
CA GLY A 33 -13.42 28.04 -14.21
C GLY A 33 -12.13 28.49 -13.59
N GLU A 34 -11.87 28.02 -12.36
CA GLU A 34 -10.60 28.33 -11.70
C GLU A 34 -10.05 27.12 -10.98
N GLY A 35 -8.75 27.12 -10.70
CA GLY A 35 -8.10 26.10 -9.88
C GLY A 35 -7.22 26.71 -8.80
N ASP A 36 -7.17 26.03 -7.65
CA ASP A 36 -6.33 26.44 -6.52
C ASP A 36 -5.53 25.22 -6.03
N ALA A 37 -4.31 25.06 -6.54
CA ALA A 37 -3.52 23.92 -6.20
C ALA A 37 -3.10 23.92 -4.75
N THR A 38 -3.15 25.07 -4.10
CA THR A 38 -2.69 25.10 -2.72
C THR A 38 -3.69 24.32 -1.83
N ILE A 39 -4.95 24.29 -2.25
CA ILE A 39 -5.95 23.48 -1.53
C ILE A 39 -6.49 22.36 -2.38
N GLY A 40 -5.88 22.13 -3.55
CA GLY A 40 -6.27 21.04 -4.44
C GLY A 40 -7.72 21.06 -4.92
N LYS A 41 -8.28 22.22 -5.24
CA LYS A 41 -9.66 22.31 -5.75
C LYS A 41 -9.76 22.90 -7.17
N LEU A 42 -10.66 22.33 -7.97
CA LEU A 42 -11.06 22.83 -9.29
C LEU A 42 -12.55 23.17 -9.28
N THR A 43 -12.96 24.21 -10.00
CA THR A 43 -14.37 24.42 -10.26
C THR A 43 -14.48 24.79 -11.71
N LEU A 44 -15.43 24.22 -12.42
CA LEU A 44 -15.51 24.39 -13.87
C LEU A 44 -16.94 24.26 -14.29
N LYS A 45 -17.34 24.99 -15.34
CA LYS A 45 -18.67 24.80 -15.92
C LYS A 45 -18.55 24.45 -17.38
N PHE A 46 -19.31 23.48 -17.88
CA PHE A 46 -19.21 23.11 -19.30
C PHE A 46 -20.53 23.22 -20.04
N ILE A 47 -20.44 23.61 -21.30
CA ILE A 47 -21.58 23.71 -22.19
C ILE A 47 -21.26 22.88 -23.41
N CYS A 48 -22.30 22.37 -24.03
CA CYS A 48 -22.09 21.69 -25.28
C CYS A 48 -22.44 22.60 -26.48
N THR A 49 -21.46 22.94 -27.29
CA THR A 49 -21.69 24.01 -28.25
C THR A 49 -22.22 23.53 -29.60
N THR A 50 -22.51 22.25 -29.74
CA THR A 50 -22.94 21.78 -31.04
C THR A 50 -24.35 21.26 -30.98
N GLY A 51 -24.96 21.33 -29.80
CA GLY A 51 -26.37 21.02 -29.65
C GLY A 51 -26.61 20.09 -28.49
N LYS A 52 -27.17 18.91 -28.80
CA LYS A 52 -27.30 17.83 -27.79
C LYS A 52 -26.03 17.03 -27.64
N LEU A 53 -25.58 16.90 -26.40
CA LEU A 53 -24.44 16.02 -26.11
C LEU A 53 -24.80 14.54 -26.35
N PRO A 54 -24.04 13.86 -27.26
CA PRO A 54 -24.32 12.49 -27.67
C PRO A 54 -23.77 11.42 -26.74
N VAL A 55 -23.03 11.78 -25.70
CA VAL A 55 -22.54 10.79 -24.71
C VAL A 55 -22.86 11.34 -23.32
N PRO A 56 -22.92 10.51 -22.27
CA PRO A 56 -23.29 11.16 -21.01
C PRO A 56 -22.16 12.02 -20.43
N TRP A 57 -22.55 13.13 -19.78
CA TRP A 57 -21.60 14.04 -19.14
C TRP A 57 -20.57 13.30 -18.28
N PRO A 58 -21.02 12.38 -17.40
CA PRO A 58 -20.00 11.69 -16.58
C PRO A 58 -18.88 11.02 -17.39
N THR A 59 -19.14 10.53 -18.60
CA THR A 59 -18.07 9.86 -19.35
C THR A 59 -16.94 10.81 -19.75
N LEU A 60 -17.16 12.12 -19.59
CA LEU A 60 -16.16 13.07 -20.05
C LEU A 60 -15.41 13.73 -18.87
N VAL A 61 -15.92 13.54 -17.66
CA VAL A 61 -15.31 14.18 -16.49
C VAL A 61 -13.76 14.00 -16.48
N THR A 62 -13.25 12.85 -16.86
CA THR A 62 -11.83 12.64 -16.67
C THR A 62 -11.05 13.27 -17.81
N THR A 63 -11.69 13.41 -18.96
CA THR A 63 -11.01 14.04 -20.07
C THR A 63 -10.95 15.59 -19.88
N LEU A 64 -12.07 16.16 -19.44
CA LEU A 64 -12.20 17.58 -19.21
C LEU A 64 -11.42 18.01 -17.99
N LEU A 66 -6.73 18.03 -15.42
CA LEU A 66 -5.99 19.22 -14.95
C LEU A 66 -5.18 18.89 -13.69
N GLN A 67 -4.31 17.90 -13.78
CA GLN A 67 -3.68 17.33 -12.60
C GLN A 67 -2.61 18.24 -11.98
N CYS A 68 -2.23 19.29 -12.72
CA CYS A 68 -1.36 20.30 -12.18
C CYS A 68 -2.03 21.01 -11.00
N PHE A 69 -3.35 20.87 -10.86
CA PHE A 69 -4.03 21.42 -9.69
C PHE A 69 -4.11 20.51 -8.47
N ALA A 70 -3.34 19.43 -8.44
CA ALA A 70 -3.37 18.57 -7.26
C ALA A 70 -2.63 19.29 -6.15
N ARG A 71 -3.04 19.07 -4.91
CA ARG A 71 -2.21 19.48 -3.79
C ARG A 71 -1.17 18.40 -3.47
N TYR A 72 0.10 18.75 -3.68
CA TYR A 72 1.20 17.91 -3.25
C TYR A 72 1.66 18.41 -1.88
N PRO A 73 1.59 17.55 -0.87
CA PRO A 73 2.10 17.82 0.47
C PRO A 73 3.59 18.14 0.44
N ASP A 74 4.09 18.84 1.45
CA ASP A 74 5.48 19.31 1.44
C ASP A 74 6.48 18.21 1.19
N HIS A 75 6.31 17.10 1.91
CA HIS A 75 7.26 16.02 1.81
C HIS A 75 7.25 15.34 0.42
N MET A 76 6.32 15.74 -0.44
CA MET A 76 6.16 15.12 -1.75
C MET A 76 6.37 16.04 -2.96
N LYS A 77 6.73 17.32 -2.73
CA LYS A 77 6.89 18.29 -3.83
C LYS A 77 7.87 17.88 -4.92
N GLN A 78 8.84 17.04 -4.58
CA GLN A 78 9.80 16.55 -5.58
C GLN A 78 9.13 15.67 -6.61
N HIS A 79 7.96 15.11 -6.29
CA HIS A 79 7.30 14.14 -7.16
C HIS A 79 6.16 14.73 -7.99
N ASP A 80 6.07 16.06 -8.03
CA ASP A 80 5.09 16.76 -8.85
C ASP A 80 5.63 17.12 -10.25
N PHE A 81 5.56 16.15 -11.16
CA PHE A 81 5.90 16.30 -12.56
C PHE A 81 5.08 17.41 -13.19
N PHE A 82 3.77 17.43 -12.89
CA PHE A 82 2.79 18.30 -13.59
C PHE A 82 3.16 19.80 -13.61
N LYS A 83 3.36 20.39 -12.44
CA LYS A 83 3.81 21.76 -12.35
C LYS A 83 5.25 21.92 -12.87
N SER A 84 6.10 20.94 -12.66
CA SER A 84 7.51 21.15 -13.05
C SER A 84 7.61 21.28 -14.57
N ALA A 85 6.50 21.02 -15.25
CA ALA A 85 6.46 21.07 -16.70
C ALA A 85 5.96 22.40 -17.28
N MET A 86 5.44 23.29 -16.42
CA MET A 86 4.93 24.64 -16.83
C MET A 86 6.05 25.72 -16.97
N PRO A 87 5.83 26.84 -17.72
CA PRO A 87 4.70 27.41 -18.48
C PRO A 87 4.02 26.52 -19.50
N GLU A 88 4.67 25.51 -20.08
CA GLU A 88 5.09 25.47 -21.47
C GLU A 88 4.27 24.20 -21.74
N GLY A 89 4.10 23.40 -20.68
CA GLY A 89 3.07 22.40 -20.63
C GLY A 89 3.43 20.95 -20.92
N TYR A 90 2.38 20.12 -21.02
CA TYR A 90 2.54 18.71 -21.31
C TYR A 90 1.41 18.27 -22.21
N VAL A 91 1.64 17.19 -22.97
CA VAL A 91 0.57 16.48 -23.67
C VAL A 91 0.03 15.38 -22.74
N GLN A 92 -1.26 15.18 -22.72
CA GLN A 92 -1.83 14.17 -21.85
C GLN A 92 -2.64 13.25 -22.75
N GLU A 93 -2.22 12.00 -22.88
CA GLU A 93 -2.91 11.03 -23.74
C GLU A 93 -3.51 9.87 -22.96
N ARG A 94 -4.68 9.44 -23.41
CA ARG A 94 -5.42 8.38 -22.75
C ARG A 94 -6.08 7.47 -23.73
N THR A 95 -6.22 6.23 -23.28
CA THR A 95 -7.21 5.29 -23.79
C THR A 95 -8.12 5.04 -22.62
N ILE A 96 -9.43 5.20 -22.87
CA ILE A 96 -10.45 4.95 -21.88
C ILE A 96 -11.24 3.83 -22.46
N SER A 97 -11.20 2.67 -21.79
CA SER A 97 -11.90 1.47 -22.21
C SER A 97 -13.15 1.24 -21.39
N PHE A 98 -14.29 1.05 -22.05
CA PHE A 98 -15.57 0.85 -21.33
C PHE A 98 -16.00 -0.65 -21.37
N LYS A 99 -16.29 -1.22 -20.21
CA LYS A 99 -16.31 -2.69 -20.06
C LYS A 99 -16.99 -3.48 -21.18
N ASP A 100 -18.23 -3.22 -21.56
CA ASP A 100 -18.66 -4.08 -22.68
C ASP A 100 -19.11 -3.17 -23.77
N ASP A 101 -18.22 -2.26 -24.16
CA ASP A 101 -18.58 -1.15 -25.02
C ASP A 101 -17.35 -0.54 -25.70
N GLY A 102 -17.52 0.64 -26.29
CA GLY A 102 -16.43 1.26 -27.07
C GLY A 102 -15.28 1.82 -26.26
N LYS A 103 -14.37 2.52 -26.92
CA LYS A 103 -13.21 3.10 -26.26
C LYS A 103 -13.13 4.57 -26.71
N TYR A 104 -12.55 5.45 -25.86
CA TYR A 104 -12.17 6.80 -26.25
C TYR A 104 -10.65 6.80 -26.37
N LYS A 105 -10.10 7.42 -27.40
CA LYS A 105 -8.67 7.82 -27.40
C LYS A 105 -8.63 9.35 -27.27
N THR A 106 -7.87 9.86 -26.30
CA THR A 106 -7.84 11.30 -26.10
C THR A 106 -6.41 11.83 -26.12
N ARG A 107 -6.25 13.02 -26.74
CA ARG A 107 -5.00 13.80 -26.71
C ARG A 107 -5.28 15.24 -26.30
N ALA A 108 -4.62 15.70 -25.25
CA ALA A 108 -4.80 17.07 -24.73
C ALA A 108 -3.49 17.84 -24.72
N VAL A 109 -3.56 19.14 -25.00
CA VAL A 109 -2.43 20.02 -24.73
C VAL A 109 -2.77 20.86 -23.48
N VAL A 110 -1.92 20.85 -22.47
CA VAL A 110 -2.23 21.55 -21.24
C VAL A 110 -1.06 22.51 -21.01
N LYS A 111 -1.34 23.81 -21.00
CA LYS A 111 -0.29 24.82 -20.94
C LYS A 111 -0.84 26.18 -20.55
N PHE A 112 0.05 27.08 -20.19
CA PHE A 112 -0.31 28.47 -20.00
C PHE A 112 -0.43 29.25 -21.29
N GLU A 113 -1.47 30.05 -21.39
CA GLU A 113 -1.51 31.14 -22.35
C GLU A 113 -1.78 32.43 -21.60
N GLY A 114 -0.73 33.24 -21.47
CA GLY A 114 -0.76 34.38 -20.57
C GLY A 114 -1.00 33.87 -19.16
N ASP A 115 -1.99 34.44 -18.49
CA ASP A 115 -2.31 34.04 -17.13
C ASP A 115 -3.29 32.87 -17.04
N THR A 116 -3.78 32.41 -18.19
CA THR A 116 -4.77 31.33 -18.19
C THR A 116 -4.18 29.97 -18.48
N LEU A 117 -4.66 28.97 -17.75
CA LEU A 117 -4.22 27.62 -18.00
C LEU A 117 -5.22 26.97 -18.94
N VAL A 118 -4.73 26.47 -20.06
CA VAL A 118 -5.59 26.00 -21.15
C VAL A 118 -5.54 24.47 -21.31
N ASN A 119 -6.68 23.83 -21.46
CA ASN A 119 -6.75 22.41 -21.76
C ASN A 119 -7.53 22.22 -23.10
N ARG A 120 -6.80 21.95 -24.18
CA ARG A 120 -7.39 21.68 -25.52
C ARG A 120 -7.31 20.22 -25.91
N ILE A 121 -8.44 19.62 -26.22
CA ILE A 121 -8.52 18.17 -26.33
C ILE A 121 -9.21 17.70 -27.60
N GLU A 122 -8.61 16.70 -28.25
CA GLU A 122 -9.30 15.91 -29.28
C GLU A 122 -9.70 14.55 -28.73
N LEU A 123 -10.89 14.08 -29.11
CA LEU A 123 -11.38 12.80 -28.63
C LEU A 123 -12.02 11.98 -29.73
N LYS A 124 -11.49 10.78 -29.95
CA LYS A 124 -12.06 9.85 -30.92
C LYS A 124 -12.66 8.61 -30.20
N GLY A 125 -13.97 8.42 -30.34
CA GLY A 125 -14.64 7.32 -29.69
C GLY A 125 -15.12 6.31 -30.73
N THR A 126 -14.73 5.04 -30.58
CA THR A 126 -15.12 3.99 -31.53
C THR A 126 -15.78 2.78 -30.88
N ASP A 127 -16.56 2.05 -31.70
CA ASP A 127 -17.19 0.78 -31.39
C ASP A 127 -18.13 0.75 -30.20
N PHE A 128 -18.89 1.81 -30.01
CA PHE A 128 -19.86 1.78 -28.94
C PHE A 128 -21.12 1.09 -29.41
N LYS A 129 -21.85 0.49 -28.48
CA LYS A 129 -23.14 -0.12 -28.81
C LYS A 129 -24.17 0.99 -28.83
N GLU A 130 -25.03 0.96 -29.85
CA GLU A 130 -26.22 1.83 -29.95
C GLU A 130 -27.09 1.91 -28.68
N ASP A 131 -27.35 0.79 -28.01
CA ASP A 131 -28.10 0.91 -26.74
CA ASP A 131 -28.14 0.73 -26.79
C ASP A 131 -27.33 0.42 -25.52
N GLY A 132 -26.02 0.68 -25.55
CA GLY A 132 -25.15 0.51 -24.37
C GLY A 132 -25.44 1.58 -23.33
N ASN A 133 -24.69 1.55 -22.23
CA ASN A 133 -24.85 2.55 -21.18
C ASN A 133 -24.46 3.97 -21.62
N ILE A 134 -23.56 4.07 -22.61
CA ILE A 134 -23.05 5.35 -23.09
C ILE A 134 -23.97 5.97 -24.16
N LEU A 135 -23.97 5.45 -25.40
CA LEU A 135 -24.86 6.00 -26.43
C LEU A 135 -26.32 5.92 -26.02
N GLY A 136 -26.66 5.01 -25.12
CA GLY A 136 -28.03 4.96 -24.68
C GLY A 136 -28.32 5.84 -23.48
N HIS A 137 -27.35 6.63 -23.00
CA HIS A 137 -27.59 7.57 -21.92
C HIS A 137 -28.23 6.90 -20.72
N LYS A 138 -27.51 5.98 -20.07
CA LYS A 138 -28.09 5.23 -18.95
C LYS A 138 -27.28 5.41 -17.67
N LEU A 139 -26.35 6.37 -17.68
CA LEU A 139 -25.54 6.63 -16.50
C LEU A 139 -26.18 7.65 -15.58
N GLU A 140 -25.98 7.49 -14.27
CA GLU A 140 -26.46 8.47 -13.28
C GLU A 140 -25.63 9.76 -13.25
N TYR A 141 -26.26 10.88 -12.90
CA TYR A 141 -25.54 12.16 -12.90
C TYR A 141 -24.94 12.31 -11.52
N ASN A 142 -23.77 11.70 -11.34
CA ASN A 142 -22.99 11.73 -10.10
C ASN A 142 -21.66 11.12 -10.41
N PHE A 143 -20.75 11.20 -9.45
CA PHE A 143 -19.43 10.60 -9.62
C PHE A 143 -19.00 9.90 -8.37
N ASN A 144 -18.10 8.95 -8.52
CA ASN A 144 -17.50 8.26 -7.39
C ASN A 144 -16.04 8.73 -7.16
N SER A 145 -15.38 8.10 -6.21
CA SER A 145 -14.08 8.43 -5.71
C SER A 145 -13.07 7.46 -6.28
N HIS A 146 -11.94 7.93 -6.77
CA HIS A 146 -10.93 7.07 -7.42
C HIS A 146 -9.51 7.54 -7.09
N ASN A 147 -8.56 6.59 -7.07
CA ASN A 147 -7.13 6.91 -6.97
C ASN A 147 -6.47 6.76 -8.34
N VAL A 148 -5.72 7.79 -8.73
CA VAL A 148 -4.97 7.77 -9.96
C VAL A 148 -3.53 7.36 -9.68
N TYR A 149 -3.16 6.16 -10.12
CA TYR A 149 -1.82 5.60 -9.83
C TYR A 149 -0.80 6.09 -10.86
N ILE A 150 0.23 6.81 -10.39
CA ILE A 150 1.28 7.43 -11.22
C ILE A 150 2.64 6.72 -11.15
N THR A 151 3.26 6.51 -12.32
CA THR A 151 4.66 6.02 -12.39
C THR A 151 5.47 6.92 -13.28
N ALA A 152 6.77 7.00 -12.98
CA ALA A 152 7.76 7.67 -13.84
C ALA A 152 7.90 6.97 -15.17
N THR A 153 8.49 7.66 -16.16
CA THR A 153 9.10 7.00 -17.35
C THR A 153 10.11 7.83 -18.15
N ARG A 154 11.39 7.43 -18.05
CA ARG A 154 12.50 8.11 -18.78
C ARG A 154 12.43 7.89 -20.30
N GLY A 155 13.29 8.58 -21.05
CA GLY A 155 13.42 8.32 -22.49
C GLY A 155 14.57 7.36 -22.64
N THR A 156 15.09 7.23 -23.88
CA THR A 156 16.34 6.50 -24.18
C THR A 156 17.06 7.07 -25.40
N GLN A 179 9.97 8.78 -26.78
CA GLN A 179 9.89 10.17 -26.36
C GLN A 179 11.10 10.63 -25.45
N LYS A 180 10.72 11.38 -24.40
CA LYS A 180 11.61 11.89 -23.32
C LYS A 180 10.99 11.64 -21.92
N ASN A 181 11.55 12.25 -20.88
CA ASN A 181 11.09 12.02 -19.50
C ASN A 181 9.69 12.45 -19.27
N GLY A 182 8.78 11.49 -19.04
CA GLY A 182 7.38 11.78 -18.68
C GLY A 182 6.79 10.85 -17.61
N ILE A 183 5.48 10.79 -17.53
CA ILE A 183 4.91 9.86 -16.60
C ILE A 183 3.86 8.99 -17.26
N LYS A 184 3.45 7.92 -16.57
CA LYS A 184 2.28 7.11 -16.93
C LYS A 184 1.33 7.08 -15.72
N ALA A 185 0.06 6.83 -16.00
CA ALA A 185 -0.88 6.59 -14.94
C ALA A 185 -1.88 5.50 -15.39
N ASN A 186 -2.54 4.85 -14.42
CA ASN A 186 -3.61 3.92 -14.73
C ASN A 186 -4.61 3.98 -13.62
N PHE A 187 -5.87 3.72 -13.93
CA PHE A 187 -6.91 3.69 -12.92
C PHE A 187 -8.21 3.26 -13.54
N THR A 188 -9.16 2.85 -12.71
CA THR A 188 -10.45 2.41 -13.23
C THR A 188 -11.57 3.26 -12.64
N VAL A 189 -12.40 3.87 -13.46
CA VAL A 189 -13.49 4.67 -12.97
C VAL A 189 -14.74 3.81 -12.90
N ARG A 190 -15.56 4.09 -11.90
CA ARG A 190 -16.80 3.34 -11.71
C ARG A 190 -18.02 4.22 -11.89
N HIS A 191 -18.71 4.06 -13.01
CA HIS A 191 -19.89 4.88 -13.31
C HIS A 191 -21.17 4.22 -12.80
N ASN A 192 -21.91 4.91 -11.96
CA ASN A 192 -23.21 4.38 -11.55
C ASN A 192 -24.24 4.31 -12.68
N VAL A 193 -24.78 3.10 -12.92
CA VAL A 193 -25.84 2.93 -13.93
C VAL A 193 -27.28 3.09 -13.36
N GLU A 194 -28.22 3.55 -14.19
CA GLU A 194 -29.64 3.70 -13.81
C GLU A 194 -30.18 2.55 -12.99
N ASP A 195 -30.00 1.33 -13.48
CA ASP A 195 -30.56 0.12 -12.87
C ASP A 195 -29.86 -0.37 -11.61
N GLY A 196 -28.96 0.40 -11.03
CA GLY A 196 -28.26 0.00 -9.84
C GLY A 196 -26.92 -0.66 -10.09
N SER A 197 -26.61 -1.02 -11.32
CA SER A 197 -25.32 -1.64 -11.59
C SER A 197 -24.19 -0.60 -11.81
N VAL A 198 -23.00 -1.11 -12.14
CA VAL A 198 -21.81 -0.31 -12.35
C VAL A 198 -21.21 -0.44 -13.76
N GLN A 199 -20.65 0.65 -14.29
CA GLN A 199 -20.09 0.64 -15.63
C GLN A 199 -18.66 1.02 -15.47
N LEU A 200 -17.77 0.06 -15.71
CA LEU A 200 -16.36 0.31 -15.52
C LEU A 200 -15.74 0.98 -16.72
N ALA A 201 -14.85 1.93 -16.44
CA ALA A 201 -14.08 2.62 -17.44
C ALA A 201 -12.62 2.63 -16.98
N ASP A 202 -11.78 1.92 -17.74
CA ASP A 202 -10.39 1.72 -17.39
C ASP A 202 -9.60 2.77 -18.13
N HIS A 203 -8.73 3.49 -17.42
CA HIS A 203 -7.93 4.59 -17.97
C HIS A 203 -6.45 4.28 -18.04
N TYR A 204 -5.83 4.47 -19.21
CA TYR A 204 -4.40 4.33 -19.33
C TYR A 204 -3.80 5.62 -19.90
N GLN A 205 -2.90 6.25 -19.13
CA GLN A 205 -2.47 7.65 -19.34
C GLN A 205 -0.99 7.78 -19.64
N GLN A 206 -0.67 8.75 -20.49
CA GLN A 206 0.74 9.13 -20.76
C GLN A 206 0.86 10.67 -20.75
N ASN A 207 1.87 11.18 -20.06
CA ASN A 207 2.09 12.61 -20.06
C ASN A 207 3.54 12.91 -20.47
N THR A 208 3.70 13.69 -21.54
CA THR A 208 5.01 14.16 -22.06
C THR A 208 5.13 15.70 -22.00
N PRO A 209 6.27 16.21 -21.48
CA PRO A 209 6.53 17.66 -21.42
C PRO A 209 6.68 18.26 -22.82
N ILE A 210 6.15 19.48 -23.00
CA ILE A 210 6.20 20.16 -24.29
C ILE A 210 7.61 20.71 -24.55
N GLY A 211 8.21 21.31 -23.53
CA GLY A 211 9.54 21.92 -23.63
C GLY A 211 10.68 20.93 -23.45
N ASP A 212 11.89 21.47 -23.26
CA ASP A 212 13.09 20.64 -23.04
C ASP A 212 13.74 20.99 -21.72
N GLY A 213 13.07 21.83 -20.93
CA GLY A 213 13.59 22.21 -19.62
C GLY A 213 13.56 20.97 -18.77
N PRO A 214 14.36 20.95 -17.68
CA PRO A 214 14.25 19.90 -16.68
C PRO A 214 12.81 19.74 -16.17
N VAL A 215 12.37 18.48 -16.02
CA VAL A 215 11.13 18.15 -15.30
C VAL A 215 11.40 17.16 -14.18
N LEU A 216 10.50 17.05 -13.23
CA LEU A 216 10.72 16.12 -12.14
C LEU A 216 10.17 14.75 -12.47
N LEU A 217 10.97 13.72 -12.23
CA LEU A 217 10.53 12.32 -12.35
C LEU A 217 10.19 11.71 -11.00
N PRO A 218 8.89 11.41 -10.76
CA PRO A 218 8.41 10.99 -9.44
C PRO A 218 8.64 9.52 -9.11
N ASP A 219 8.76 9.22 -7.83
CA ASP A 219 8.63 7.85 -7.38
C ASP A 219 7.17 7.47 -7.53
N ASN A 220 6.87 6.18 -7.44
CA ASN A 220 5.46 5.77 -7.53
C ASN A 220 4.60 6.41 -6.45
N HIS A 221 3.40 6.85 -6.79
CA HIS A 221 2.50 7.46 -5.80
C HIS A 221 1.15 7.68 -6.44
N TYR A 222 0.17 8.15 -5.68
CA TYR A 222 -1.14 8.32 -6.31
C TYR A 222 -1.82 9.66 -6.02
N LEU A 223 -2.84 9.98 -6.81
CA LEU A 223 -3.65 11.18 -6.59
C LEU A 223 -5.02 10.71 -6.20
N SER A 224 -5.46 11.11 -5.02
CA SER A 224 -6.77 10.77 -4.59
C SER A 224 -7.77 11.83 -5.09
N TYR A 225 -8.75 11.39 -5.87
CA TYR A 225 -9.76 12.26 -6.44
C TYR A 225 -11.10 12.09 -5.73
N GLN A 226 -11.74 13.23 -5.45
CA GLN A 226 -13.12 13.24 -5.04
C GLN A 226 -13.84 14.29 -5.88
N THR A 227 -15.07 13.99 -6.33
CA THR A 227 -15.68 14.76 -7.41
C THR A 227 -17.18 14.94 -7.23
N VAL A 228 -17.71 16.15 -7.44
CA VAL A 228 -19.15 16.38 -7.32
C VAL A 228 -19.66 16.88 -8.66
N LEU A 229 -20.81 16.38 -9.13
CA LEU A 229 -21.44 16.93 -10.35
C LEU A 229 -22.74 17.64 -9.98
N SER A 230 -22.90 18.88 -10.41
CA SER A 230 -24.18 19.55 -10.17
C SER A 230 -24.58 20.37 -11.35
N LYS A 231 -25.64 21.15 -11.13
CA LYS A 231 -26.21 22.01 -12.12
C LYS A 231 -26.21 23.44 -11.62
N ASP A 232 -26.30 24.36 -12.56
CA ASP A 232 -26.55 25.73 -12.24
C ASP A 232 -28.06 25.90 -12.34
N PRO A 233 -28.70 26.27 -11.23
CA PRO A 233 -30.16 26.40 -11.19
C PRO A 233 -30.72 27.46 -12.17
N ASN A 234 -29.86 28.35 -12.65
CA ASN A 234 -30.29 29.36 -13.63
C ASN A 234 -29.79 29.18 -15.08
N GLU A 235 -29.36 27.98 -15.46
CA GLU A 235 -28.81 27.78 -16.78
C GLU A 235 -29.73 26.89 -17.60
N LYS A 236 -30.33 27.43 -18.63
CA LYS A 236 -31.13 26.65 -19.57
C LYS A 236 -30.32 25.73 -20.49
N ARG A 237 -29.02 25.92 -20.67
CA ARG A 237 -28.32 25.06 -21.63
C ARG A 237 -27.95 23.72 -21.01
N ASP A 238 -27.93 22.68 -21.81
CA ASP A 238 -27.42 21.43 -21.29
C ASP A 238 -25.98 21.64 -20.87
N HIS A 239 -25.70 21.46 -19.59
CA HIS A 239 -24.36 21.71 -19.07
C HIS A 239 -23.97 20.79 -17.93
N MET A 240 -22.72 20.96 -17.46
CA MET A 240 -22.19 20.32 -16.27
C MET A 240 -21.36 21.27 -15.37
N VAL A 241 -21.67 21.30 -14.07
CA VAL A 241 -20.79 21.97 -13.10
C VAL A 241 -20.00 20.88 -12.41
N LEU A 242 -18.67 20.98 -12.50
CA LEU A 242 -17.74 19.99 -11.97
C LEU A 242 -16.91 20.56 -10.84
N LEU A 243 -16.92 19.88 -9.71
CA LEU A 243 -16.08 20.23 -8.59
CA LEU A 243 -16.10 20.21 -8.57
C LEU A 243 -15.11 19.07 -8.30
N GLU A 244 -13.81 19.38 -8.24
CA GLU A 244 -12.79 18.32 -7.99
C GLU A 244 -11.91 18.63 -6.80
N PHE A 245 -11.69 17.64 -5.93
CA PHE A 245 -10.75 17.80 -4.82
C PHE A 245 -9.63 16.78 -4.97
N VAL A 246 -8.40 17.24 -5.09
CA VAL A 246 -7.31 16.34 -5.42
C VAL A 246 -6.11 16.52 -4.49
N THR A 247 -5.68 15.44 -3.86
CA THR A 247 -4.51 15.48 -2.99
C THR A 247 -3.58 14.35 -3.38
N ALA A 248 -2.29 14.64 -3.49
CA ALA A 248 -1.32 13.59 -3.78
C ALA A 248 -1.02 12.83 -2.47
N ALA A 249 -0.80 11.52 -2.57
CA ALA A 249 -0.56 10.67 -1.41
C ALA A 249 0.23 9.48 -1.85
N GLY A 250 0.36 8.55 -0.89
CA GLY A 250 0.89 7.23 -1.11
C GLY A 250 2.38 7.14 -0.94
N ILE A 251 2.98 8.17 -0.34
CA ILE A 251 4.35 8.11 0.13
C ILE A 251 4.41 8.66 1.55
N THR A 252 4.93 7.87 2.49
CA THR A 252 5.12 8.35 3.87
C THR A 252 6.26 9.38 3.92
N SER B 2 8.41 -11.59 -43.30
CA SER B 2 8.47 -10.32 -44.11
C SER B 2 7.45 -9.26 -43.64
N LYS B 3 6.24 -9.70 -43.30
CA LYS B 3 5.13 -8.79 -43.00
C LYS B 3 5.29 -8.16 -41.62
N GLY B 4 4.56 -8.75 -40.67
CA GLY B 4 4.46 -8.23 -39.33
C GLY B 4 5.78 -8.29 -38.59
N GLU B 5 6.73 -9.04 -39.12
CA GLU B 5 8.02 -9.22 -38.49
C GLU B 5 8.70 -7.89 -38.21
N GLU B 6 8.63 -6.99 -39.19
CA GLU B 6 9.17 -5.64 -39.09
C GLU B 6 8.69 -4.90 -37.81
N LEU B 7 7.43 -5.12 -37.44
CA LEU B 7 6.81 -4.44 -36.31
C LEU B 7 7.40 -4.88 -34.96
N PHE B 8 8.36 -5.80 -35.00
CA PHE B 8 8.89 -6.44 -33.81
C PHE B 8 10.38 -6.38 -33.59
N THR B 9 11.06 -5.47 -34.26
CA THR B 9 12.50 -5.39 -34.14
C THR B 9 12.90 -4.57 -32.90
N GLY B 10 11.92 -3.94 -32.24
CA GLY B 10 12.17 -3.12 -31.06
C GLY B 10 11.23 -3.42 -29.91
N VAL B 11 11.39 -2.70 -28.81
CA VAL B 11 10.50 -2.92 -27.65
C VAL B 11 9.07 -2.44 -27.98
N VAL B 12 8.06 -3.29 -27.81
CA VAL B 12 6.69 -2.92 -28.14
C VAL B 12 5.83 -2.74 -26.86
N PRO B 13 5.06 -1.65 -26.76
CA PRO B 13 4.26 -1.58 -25.50
C PRO B 13 3.07 -2.57 -25.60
N ILE B 14 2.57 -3.06 -24.46
CA ILE B 14 1.49 -4.02 -24.52
C ILE B 14 0.35 -3.60 -23.61
N LEU B 15 -0.87 -3.88 -24.06
CA LEU B 15 -2.07 -3.74 -23.25
C LEU B 15 -2.83 -5.07 -23.17
N VAL B 16 -3.27 -5.45 -21.98
CA VAL B 16 -4.03 -6.71 -21.81
C VAL B 16 -5.30 -6.50 -21.00
N GLU B 17 -6.43 -6.94 -21.56
CA GLU B 17 -7.73 -6.90 -20.84
C GLU B 17 -8.41 -8.29 -20.82
N LEU B 18 -8.74 -8.78 -19.63
CA LEU B 18 -9.46 -10.03 -19.52
C LEU B 18 -10.74 -9.82 -18.73
N ASP B 19 -11.84 -10.30 -19.28
CA ASP B 19 -13.09 -10.40 -18.53
C ASP B 19 -13.40 -11.89 -18.34
N GLY B 20 -13.62 -12.30 -17.10
CA GLY B 20 -13.87 -13.70 -16.77
C GLY B 20 -15.13 -13.91 -15.94
N ASP B 21 -15.76 -15.04 -16.19
CA ASP B 21 -16.82 -15.56 -15.36
C ASP B 21 -16.47 -17.04 -15.00
N VAL B 22 -16.27 -17.31 -13.72
CA VAL B 22 -15.98 -18.65 -13.27
C VAL B 22 -17.04 -19.06 -12.28
N ASN B 23 -17.81 -20.09 -12.61
CA ASN B 23 -18.88 -20.58 -11.73
C ASN B 23 -19.74 -19.43 -11.20
N GLY B 24 -19.99 -18.41 -12.02
CA GLY B 24 -20.81 -17.30 -11.55
C GLY B 24 -20.03 -16.07 -11.11
N HIS B 25 -18.86 -16.26 -10.47
CA HIS B 25 -18.04 -15.13 -10.04
C HIS B 25 -17.48 -14.34 -11.23
N LYS B 26 -17.97 -13.11 -11.36
CA LYS B 26 -17.63 -12.16 -12.40
C LYS B 26 -16.37 -11.38 -11.94
N PHE B 27 -15.40 -11.15 -12.81
CA PHE B 27 -14.20 -10.38 -12.42
C PHE B 27 -13.42 -9.85 -13.62
N SER B 28 -12.56 -8.87 -13.42
CA SER B 28 -11.78 -8.28 -14.54
C SER B 28 -10.29 -8.12 -14.26
N VAL B 29 -9.46 -8.40 -15.25
CA VAL B 29 -8.01 -8.17 -15.13
C VAL B 29 -7.58 -7.18 -16.22
N ARG B 30 -6.76 -6.20 -15.86
CA ARG B 30 -6.19 -5.24 -16.83
C ARG B 30 -4.70 -5.19 -16.55
N GLY B 31 -3.88 -5.27 -17.59
CA GLY B 31 -2.43 -5.16 -17.41
C GLY B 31 -1.74 -4.35 -18.48
N GLU B 32 -0.52 -3.92 -18.19
CA GLU B 32 0.28 -3.19 -19.19
C GLU B 32 1.73 -3.62 -19.13
N GLY B 33 2.50 -3.49 -20.20
CA GLY B 33 3.93 -3.79 -20.08
C GLY B 33 4.57 -3.73 -21.44
N GLU B 34 5.68 -4.47 -21.60
CA GLU B 34 6.38 -4.44 -22.88
C GLU B 34 7.07 -5.72 -23.30
N GLY B 35 7.03 -5.99 -24.60
CA GLY B 35 7.75 -7.12 -25.19
C GLY B 35 8.95 -6.76 -26.03
N ASP B 36 9.95 -7.63 -25.97
CA ASP B 36 11.08 -7.54 -26.86
C ASP B 36 11.33 -8.90 -27.49
N ALA B 37 10.74 -9.10 -28.67
CA ALA B 37 10.84 -10.37 -29.39
C ALA B 37 12.23 -10.66 -29.89
N THR B 38 13.10 -9.65 -29.96
CA THR B 38 14.46 -9.94 -30.45
C THR B 38 15.26 -10.70 -29.38
N ILE B 39 14.87 -10.50 -28.11
CA ILE B 39 15.41 -11.33 -27.05
C ILE B 39 14.40 -12.35 -26.49
N GLY B 40 13.14 -12.28 -26.91
CA GLY B 40 12.13 -13.16 -26.34
C GLY B 40 11.88 -12.94 -24.86
N LYS B 41 11.58 -11.71 -24.47
CA LYS B 41 11.27 -11.39 -23.08
C LYS B 41 9.99 -10.53 -22.99
N LEU B 42 9.11 -10.83 -22.04
CA LEU B 42 7.95 -9.98 -21.71
C LEU B 42 7.99 -9.57 -20.24
N THR B 43 7.45 -8.38 -19.94
CA THR B 43 7.20 -7.98 -18.58
C THR B 43 5.87 -7.30 -18.54
N LEU B 44 4.99 -7.77 -17.66
CA LEU B 44 3.74 -7.06 -17.46
C LEU B 44 3.38 -6.95 -16.00
N LYS B 45 2.53 -5.98 -15.68
CA LYS B 45 1.93 -5.94 -14.38
C LYS B 45 0.39 -5.96 -14.50
N PHE B 46 -0.28 -6.90 -13.83
CA PHE B 46 -1.75 -7.01 -13.89
C PHE B 46 -2.46 -6.59 -12.61
N ILE B 47 -3.59 -5.93 -12.77
CA ILE B 47 -4.37 -5.46 -11.66
C ILE B 47 -5.70 -6.13 -11.82
N CYS B 48 -6.24 -6.65 -10.72
CA CYS B 48 -7.62 -7.12 -10.76
C CYS B 48 -8.53 -5.94 -10.44
N THR B 49 -9.20 -5.42 -11.45
CA THR B 49 -9.93 -4.17 -11.28
C THR B 49 -11.29 -4.36 -10.64
N THR B 50 -11.69 -5.59 -10.32
CA THR B 50 -13.00 -5.74 -9.65
C THR B 50 -12.83 -6.01 -8.19
N GLY B 51 -11.59 -5.97 -7.71
CA GLY B 51 -11.27 -6.15 -6.29
C GLY B 51 -10.38 -7.38 -6.03
N LYS B 52 -10.92 -8.32 -5.25
CA LYS B 52 -10.24 -9.56 -4.97
C LYS B 52 -10.43 -10.52 -6.15
N LEU B 53 -9.33 -11.07 -6.66
CA LEU B 53 -9.44 -12.10 -7.71
C LEU B 53 -10.06 -13.42 -7.16
N PRO B 54 -11.10 -13.96 -7.84
CA PRO B 54 -11.81 -15.10 -7.26
C PRO B 54 -11.16 -16.42 -7.61
N VAL B 55 -10.12 -16.39 -8.45
CA VAL B 55 -9.30 -17.57 -8.75
C VAL B 55 -7.81 -17.21 -8.56
N PRO B 56 -6.91 -18.21 -8.51
CA PRO B 56 -5.51 -17.85 -8.25
C PRO B 56 -4.80 -17.30 -9.45
N TRP B 57 -3.99 -16.29 -9.18
CA TRP B 57 -3.27 -15.64 -10.23
C TRP B 57 -2.60 -16.65 -11.18
N PRO B 58 -1.96 -17.70 -10.65
CA PRO B 58 -1.28 -18.66 -11.56
C PRO B 58 -2.19 -19.29 -12.62
N THR B 59 -3.49 -19.43 -12.34
CA THR B 59 -4.31 -20.10 -13.31
C THR B 59 -4.58 -19.24 -14.54
N LEU B 60 -4.21 -17.96 -14.45
CA LEU B 60 -4.52 -17.02 -15.55
C LEU B 60 -3.30 -16.69 -16.40
N VAL B 61 -2.13 -17.09 -15.91
CA VAL B 61 -0.89 -16.77 -16.60
C VAL B 61 -0.92 -17.04 -18.11
N THR B 62 -1.20 -18.27 -18.49
CA THR B 62 -1.13 -18.65 -19.91
C THR B 62 -2.16 -17.92 -20.77
N THR B 63 -3.25 -17.49 -20.15
CA THR B 63 -4.27 -16.75 -20.87
C THR B 63 -3.84 -15.27 -21.07
N LEU B 64 -3.25 -14.65 -20.05
CA LEU B 64 -2.80 -13.27 -20.11
C LEU B 64 -1.54 -13.08 -20.96
N LEU B 66 0.61 -13.96 -25.52
CA LEU B 66 1.30 -13.03 -26.44
C LEU B 66 2.41 -13.78 -27.13
N GLN B 67 2.03 -14.84 -27.84
CA GLN B 67 3.04 -15.71 -28.42
C GLN B 67 3.79 -15.03 -29.55
N CYS B 68 3.23 -13.91 -30.01
CA CYS B 68 3.88 -13.14 -31.05
C CYS B 68 5.19 -12.49 -30.58
N PHE B 69 5.47 -12.53 -29.28
CA PHE B 69 6.76 -12.08 -28.73
C PHE B 69 7.84 -13.14 -28.56
N ALA B 70 7.57 -14.34 -29.05
CA ALA B 70 8.53 -15.41 -29.00
C ALA B 70 9.75 -15.03 -29.85
N ARG B 71 10.95 -15.34 -29.38
CA ARG B 71 12.14 -15.24 -30.24
C ARG B 71 12.26 -16.45 -31.17
N TYR B 72 12.08 -16.25 -32.47
CA TYR B 72 12.39 -17.31 -33.44
C TYR B 72 13.83 -17.18 -33.92
N PRO B 73 14.69 -18.19 -33.65
CA PRO B 73 16.04 -18.09 -34.24
C PRO B 73 15.99 -17.90 -35.78
N ASP B 74 17.08 -17.41 -36.37
CA ASP B 74 17.09 -17.10 -37.80
C ASP B 74 16.66 -18.24 -38.70
N HIS B 75 17.30 -19.40 -38.53
CA HIS B 75 17.02 -20.57 -39.36
C HIS B 75 15.56 -21.02 -39.28
N MET B 76 14.77 -20.43 -38.40
CA MET B 76 13.38 -20.83 -38.20
C MET B 76 12.37 -19.72 -38.48
N LYS B 77 12.87 -18.57 -38.91
CA LYS B 77 12.05 -17.37 -39.09
C LYS B 77 10.84 -17.61 -39.99
N GLN B 78 10.93 -18.60 -40.88
CA GLN B 78 9.83 -18.92 -41.80
C GLN B 78 8.65 -19.53 -41.08
N HIS B 79 8.84 -19.97 -39.84
CA HIS B 79 7.84 -20.77 -39.14
C HIS B 79 7.11 -19.97 -38.10
N ASP B 80 7.14 -18.65 -38.28
CA ASP B 80 6.54 -17.78 -37.31
C ASP B 80 5.21 -17.24 -37.80
N PHE B 81 4.19 -18.09 -37.67
CA PHE B 81 2.81 -17.71 -37.97
C PHE B 81 2.42 -16.46 -37.20
N PHE B 82 2.77 -16.42 -35.92
CA PHE B 82 2.35 -15.34 -35.03
C PHE B 82 2.68 -13.92 -35.54
N LYS B 83 3.97 -13.62 -35.70
CA LYS B 83 4.39 -12.31 -36.19
C LYS B 83 3.87 -12.06 -37.60
N SER B 84 3.66 -13.13 -38.36
CA SER B 84 3.31 -12.94 -39.73
C SER B 84 1.84 -12.52 -39.92
N ALA B 85 1.21 -11.89 -38.93
CA ALA B 85 -0.27 -11.81 -39.04
C ALA B 85 -1.26 -10.66 -38.59
N MET B 86 -0.97 -9.41 -38.22
CA MET B 86 0.25 -8.60 -38.05
C MET B 86 0.47 -7.56 -39.18
N PRO B 87 -0.09 -6.34 -39.03
CA PRO B 87 -0.78 -5.71 -37.91
C PRO B 87 -2.01 -6.30 -37.26
N GLU B 88 -2.71 -7.31 -37.79
CA GLU B 88 -3.93 -7.18 -38.53
C GLU B 88 -4.68 -7.98 -37.43
N GLY B 89 -4.10 -9.14 -37.07
CA GLY B 89 -4.47 -9.86 -35.85
C GLY B 89 -4.72 -11.35 -35.93
N TYR B 90 -4.75 -12.01 -34.78
CA TYR B 90 -5.28 -13.38 -34.77
C TYR B 90 -6.19 -13.65 -33.62
N VAL B 91 -7.13 -14.57 -33.82
CA VAL B 91 -7.91 -15.01 -32.68
C VAL B 91 -7.16 -16.15 -32.05
N GLN B 92 -7.13 -16.18 -30.71
CA GLN B 92 -6.52 -17.27 -29.98
C GLN B 92 -7.56 -17.83 -29.04
N GLU B 93 -7.93 -19.08 -29.32
CA GLU B 93 -8.91 -19.79 -28.52
C GLU B 93 -8.29 -20.97 -27.81
N ARG B 94 -8.71 -21.21 -26.57
CA ARG B 94 -8.19 -22.33 -25.80
C ARG B 94 -9.28 -23.02 -25.03
N THR B 95 -9.13 -24.32 -24.79
CA THR B 95 -9.86 -24.95 -23.67
C THR B 95 -8.82 -25.33 -22.65
N ILE B 96 -9.03 -25.01 -21.38
CA ILE B 96 -8.12 -25.50 -20.34
C ILE B 96 -8.89 -26.39 -19.38
N SER B 97 -8.47 -27.65 -19.25
CA SER B 97 -9.09 -28.55 -18.24
C SER B 97 -8.18 -28.84 -17.07
N PHE B 98 -8.74 -28.60 -15.89
CA PHE B 98 -8.07 -28.90 -14.65
C PHE B 98 -8.45 -30.33 -14.17
N LYS B 99 -7.43 -31.18 -14.00
CA LYS B 99 -7.67 -32.59 -13.89
C LYS B 99 -8.86 -33.00 -12.99
N ASP B 100 -8.92 -32.53 -11.77
CA ASP B 100 -10.09 -33.17 -11.07
C ASP B 100 -11.17 -32.18 -10.76
N ASP B 101 -11.31 -31.25 -11.72
CA ASP B 101 -11.90 -29.95 -11.47
C ASP B 101 -12.50 -29.33 -12.77
N GLY B 102 -12.88 -28.05 -12.71
CA GLY B 102 -13.54 -27.35 -13.84
C GLY B 102 -12.65 -27.08 -15.06
N LYS B 103 -13.27 -26.52 -16.09
CA LYS B 103 -12.53 -26.06 -17.27
C LYS B 103 -12.70 -24.56 -17.58
N TYR B 104 -11.65 -23.92 -18.13
CA TYR B 104 -11.79 -22.56 -18.71
C TYR B 104 -11.95 -22.69 -20.22
N LYS B 105 -12.82 -21.88 -20.81
CA LYS B 105 -12.86 -21.66 -22.26
C LYS B 105 -12.47 -20.19 -22.50
N THR B 106 -11.48 -19.94 -23.34
CA THR B 106 -11.00 -18.60 -23.53
C THR B 106 -10.98 -18.27 -24.99
N ARG B 107 -11.33 -17.02 -25.31
CA ARG B 107 -11.24 -16.47 -26.67
C ARG B 107 -10.58 -15.10 -26.61
N ALA B 108 -9.49 -14.95 -27.38
CA ALA B 108 -8.69 -13.72 -27.38
C ALA B 108 -8.55 -13.13 -28.78
N VAL B 109 -8.70 -11.80 -28.87
CA VAL B 109 -8.30 -11.05 -30.05
C VAL B 109 -6.94 -10.39 -29.77
N VAL B 110 -5.98 -10.60 -30.66
CA VAL B 110 -4.61 -10.08 -30.50
C VAL B 110 -4.22 -9.32 -31.77
N LYS B 111 -4.36 -8.00 -31.71
CA LYS B 111 -4.02 -7.14 -32.84
C LYS B 111 -3.21 -5.92 -32.38
N PHE B 112 -2.72 -5.14 -33.34
CA PHE B 112 -2.16 -3.82 -33.08
C PHE B 112 -3.26 -2.77 -33.12
N GLU B 113 -3.20 -1.84 -32.19
CA GLU B 113 -3.99 -0.63 -32.27
C GLU B 113 -2.99 0.49 -32.10
N GLY B 114 -2.57 1.11 -33.21
CA GLY B 114 -1.42 2.00 -33.23
C GLY B 114 -0.08 1.32 -32.94
N ASP B 115 0.76 1.98 -32.16
CA ASP B 115 2.04 1.43 -31.72
C ASP B 115 1.90 0.28 -30.70
N THR B 116 0.66 -0.02 -30.28
CA THR B 116 0.44 -0.92 -29.13
C THR B 116 -0.20 -2.25 -29.48
N LEU B 117 0.42 -3.33 -28.99
CA LEU B 117 -0.15 -4.66 -29.10
C LEU B 117 -1.20 -4.97 -28.02
N VAL B 118 -2.41 -5.28 -28.47
CA VAL B 118 -3.54 -5.53 -27.57
C VAL B 118 -3.95 -7.00 -27.55
N ASN B 119 -4.16 -7.51 -26.35
CA ASN B 119 -4.68 -8.85 -26.11
C ASN B 119 -5.95 -8.68 -25.28
N ARG B 120 -7.10 -8.80 -25.96
CA ARG B 120 -8.42 -8.69 -25.32
CA ARG B 120 -8.41 -8.70 -25.30
C ARG B 120 -9.03 -10.09 -25.16
N ILE B 121 -9.36 -10.48 -23.93
CA ILE B 121 -9.80 -11.86 -23.67
C ILE B 121 -11.14 -12.00 -22.94
N GLU B 122 -11.97 -12.92 -23.43
CA GLU B 122 -13.11 -13.42 -22.65
C GLU B 122 -12.79 -14.80 -22.08
N LEU B 123 -13.18 -15.01 -20.82
CA LEU B 123 -12.96 -16.30 -20.19
C LEU B 123 -14.23 -16.79 -19.50
N LYS B 124 -14.67 -17.99 -19.86
CA LYS B 124 -15.76 -18.58 -19.11
C LYS B 124 -15.33 -19.88 -18.45
N GLY B 125 -15.48 -19.92 -17.13
CA GLY B 125 -15.11 -21.08 -16.35
C GLY B 125 -16.32 -21.80 -15.78
N THR B 126 -16.33 -23.14 -15.92
CA THR B 126 -17.45 -23.97 -15.45
C THR B 126 -17.01 -25.23 -14.67
N ASP B 127 -17.89 -25.66 -13.77
CA ASP B 127 -17.81 -26.94 -13.03
C ASP B 127 -16.67 -27.08 -12.07
N PHE B 128 -16.23 -25.96 -11.50
CA PHE B 128 -15.17 -25.95 -10.53
C PHE B 128 -15.70 -26.36 -9.17
N LYS B 129 -14.95 -27.22 -8.49
CA LYS B 129 -15.25 -27.64 -7.12
C LYS B 129 -14.98 -26.49 -6.15
N GLU B 130 -16.01 -26.14 -5.35
CA GLU B 130 -15.90 -25.04 -4.41
C GLU B 130 -14.71 -25.17 -3.50
N ASP B 131 -14.35 -26.39 -3.14
CA ASP B 131 -13.20 -26.51 -2.26
CA ASP B 131 -13.25 -26.66 -2.23
C ASP B 131 -11.98 -27.11 -2.96
N GLY B 132 -11.99 -27.08 -4.30
CA GLY B 132 -10.83 -27.53 -5.06
C GLY B 132 -9.62 -26.58 -4.97
N ASN B 133 -8.53 -26.96 -5.64
CA ASN B 133 -7.33 -26.15 -5.65
C ASN B 133 -7.55 -24.76 -6.21
N ILE B 134 -8.68 -24.57 -6.88
CA ILE B 134 -8.89 -23.34 -7.66
C ILE B 134 -9.73 -22.37 -6.88
N LEU B 135 -11.04 -22.60 -6.78
CA LEU B 135 -11.89 -21.80 -5.87
C LEU B 135 -11.42 -21.85 -4.42
N GLY B 136 -10.62 -22.83 -4.05
CA GLY B 136 -10.10 -22.88 -2.68
C GLY B 136 -8.76 -22.19 -2.48
N HIS B 137 -8.20 -21.59 -3.53
CA HIS B 137 -6.89 -20.90 -3.45
C HIS B 137 -5.85 -21.79 -2.75
N LYS B 138 -5.56 -22.94 -3.37
CA LYS B 138 -4.61 -23.89 -2.82
C LYS B 138 -3.31 -23.95 -3.64
N LEU B 139 -3.17 -23.07 -4.64
CA LEU B 139 -2.01 -23.09 -5.52
C LEU B 139 -0.89 -22.16 -5.07
N GLU B 140 0.35 -22.65 -5.09
CA GLU B 140 1.53 -21.81 -4.79
C GLU B 140 1.73 -20.69 -5.84
N TYR B 141 2.22 -19.54 -5.38
CA TYR B 141 2.47 -18.35 -6.24
C TYR B 141 3.83 -18.51 -6.95
N ASN B 142 3.83 -19.27 -8.04
CA ASN B 142 5.05 -19.52 -8.82
C ASN B 142 4.65 -20.26 -10.09
N PHE B 143 5.62 -20.55 -10.94
CA PHE B 143 5.32 -21.21 -12.18
C PHE B 143 6.46 -22.10 -12.52
N ASN B 144 6.17 -23.24 -13.11
CA ASN B 144 7.17 -24.14 -13.58
C ASN B 144 7.41 -23.88 -15.04
N SER B 145 8.30 -24.65 -15.63
CA SER B 145 8.67 -24.45 -17.04
C SER B 145 7.93 -25.37 -18.04
N HIS B 146 7.42 -24.87 -19.15
CA HIS B 146 6.73 -25.76 -20.08
C HIS B 146 7.10 -25.52 -21.53
N ASN B 147 6.74 -26.46 -22.41
CA ASN B 147 6.83 -26.23 -23.84
C ASN B 147 5.48 -26.20 -24.54
N VAL B 148 5.32 -25.28 -25.49
CA VAL B 148 4.08 -25.16 -26.26
C VAL B 148 4.31 -25.79 -27.64
N TYR B 149 3.56 -26.85 -27.97
CA TYR B 149 3.85 -27.66 -29.17
C TYR B 149 2.97 -27.25 -30.30
N ILE B 150 3.61 -26.86 -31.40
CA ILE B 150 2.89 -26.21 -32.47
C ILE B 150 2.85 -27.02 -33.74
N THR B 151 1.66 -27.05 -34.30
CA THR B 151 1.42 -27.74 -35.54
C THR B 151 0.54 -26.89 -36.46
N ALA B 152 0.69 -27.11 -37.77
CA ALA B 152 -0.01 -26.31 -38.79
C ALA B 152 -1.44 -26.78 -38.88
N THR B 153 -2.35 -25.87 -39.20
CA THR B 153 -3.72 -26.26 -39.50
C THR B 153 -4.18 -25.70 -40.87
N ARG B 154 -4.47 -26.61 -41.81
CA ARG B 154 -4.79 -26.22 -43.19
C ARG B 154 -6.18 -25.58 -43.28
N GLY B 155 -6.47 -24.89 -44.39
CA GLY B 155 -7.85 -24.46 -44.68
C GLY B 155 -8.79 -25.63 -44.92
N LYS B 180 -10.65 -20.50 -43.41
CA LYS B 180 -9.68 -20.36 -42.31
C LYS B 180 -8.49 -21.29 -42.51
N ASN B 181 -7.30 -20.83 -42.10
CA ASN B 181 -6.09 -21.68 -42.00
C ASN B 181 -5.00 -21.09 -41.08
N GLY B 182 -4.93 -21.61 -39.86
CA GLY B 182 -3.94 -21.12 -38.91
C GLY B 182 -3.09 -22.21 -38.32
N ILE B 183 -2.98 -22.21 -36.99
CA ILE B 183 -2.21 -23.22 -36.26
C ILE B 183 -2.98 -23.84 -35.09
N LYS B 184 -2.55 -25.03 -34.70
CA LYS B 184 -3.03 -25.64 -33.47
C LYS B 184 -1.84 -25.84 -32.55
N ALA B 185 -2.09 -25.80 -31.25
CA ALA B 185 -1.05 -26.07 -30.29
C ALA B 185 -1.63 -26.82 -29.13
N ASN B 186 -0.79 -27.59 -28.45
CA ASN B 186 -1.17 -28.16 -27.16
C ASN B 186 0.02 -28.31 -26.21
N PHE B 187 -0.32 -28.40 -24.92
CA PHE B 187 0.63 -28.62 -23.84
C PHE B 187 -0.08 -28.78 -22.47
N THR B 188 0.64 -29.24 -21.46
CA THR B 188 0.08 -29.43 -20.14
C THR B 188 0.84 -28.61 -19.10
N VAL B 189 0.13 -27.80 -18.34
CA VAL B 189 0.76 -26.94 -17.36
C VAL B 189 0.71 -27.69 -16.04
N ARG B 190 1.77 -27.53 -15.24
CA ARG B 190 1.90 -28.15 -13.94
C ARG B 190 1.91 -27.11 -12.82
N HIS B 191 0.81 -26.89 -12.13
CA HIS B 191 0.74 -25.93 -11.03
C HIS B 191 1.16 -26.55 -9.71
N ASN B 192 2.13 -25.99 -9.03
CA ASN B 192 2.49 -26.55 -7.72
C ASN B 192 1.39 -26.25 -6.72
N VAL B 193 0.98 -27.25 -5.95
CA VAL B 193 -0.08 -27.11 -4.95
C VAL B 193 0.51 -26.96 -3.56
N GLU B 194 -0.15 -26.25 -2.69
CA GLU B 194 0.44 -25.99 -1.38
C GLU B 194 0.77 -27.25 -0.57
N ASP B 195 0.04 -28.35 -0.69
CA ASP B 195 0.42 -29.54 0.09
C ASP B 195 1.55 -30.33 -0.57
N GLY B 196 2.23 -29.77 -1.56
CA GLY B 196 3.34 -30.48 -2.17
C GLY B 196 2.99 -31.33 -3.38
N SER B 197 1.70 -31.46 -3.70
CA SER B 197 1.28 -32.15 -4.92
C SER B 197 1.22 -31.21 -6.14
N VAL B 198 0.76 -31.77 -7.27
CA VAL B 198 0.68 -31.06 -8.55
C VAL B 198 -0.72 -31.00 -9.17
N GLN B 199 -1.13 -29.81 -9.60
CA GLN B 199 -2.42 -29.64 -10.26
C GLN B 199 -2.18 -29.49 -11.74
N LEU B 200 -2.70 -30.39 -12.58
CA LEU B 200 -2.46 -30.32 -14.02
C LEU B 200 -3.55 -29.56 -14.75
N ALA B 201 -3.15 -28.91 -15.84
CA ALA B 201 -4.04 -28.17 -16.71
C ALA B 201 -3.67 -28.42 -18.16
N ASP B 202 -4.54 -29.17 -18.85
CA ASP B 202 -4.37 -29.43 -20.26
C ASP B 202 -4.82 -28.24 -21.06
N HIS B 203 -4.00 -27.89 -22.04
CA HIS B 203 -4.23 -26.73 -22.91
C HIS B 203 -4.39 -27.19 -24.34
N TYR B 204 -5.51 -26.86 -24.94
CA TYR B 204 -5.73 -27.07 -26.36
C TYR B 204 -5.93 -25.73 -27.00
N GLN B 205 -5.17 -25.48 -28.05
CA GLN B 205 -5.04 -24.16 -28.59
C GLN B 205 -5.21 -24.12 -30.09
N GLN B 206 -5.82 -23.03 -30.54
CA GLN B 206 -6.17 -22.81 -31.93
C GLN B 206 -6.02 -21.29 -32.23
N ASN B 207 -5.21 -20.98 -33.24
CA ASN B 207 -5.03 -19.61 -33.72
C ASN B 207 -5.43 -19.39 -35.18
N THR B 208 -6.34 -18.45 -35.38
CA THR B 208 -6.81 -18.10 -36.73
C THR B 208 -6.49 -16.64 -37.05
N PRO B 209 -5.92 -16.39 -38.23
CA PRO B 209 -5.58 -15.03 -38.61
C PRO B 209 -6.86 -14.23 -38.87
N ILE B 210 -6.84 -12.93 -38.53
CA ILE B 210 -7.98 -12.05 -38.78
C ILE B 210 -7.85 -11.44 -40.15
N GLY B 211 -6.63 -11.08 -40.55
CA GLY B 211 -6.38 -10.54 -41.90
C GLY B 211 -6.70 -11.54 -42.99
N ASP B 212 -6.51 -11.16 -44.26
CA ASP B 212 -6.69 -12.12 -45.36
C ASP B 212 -5.42 -12.39 -46.15
N GLY B 213 -4.43 -11.53 -45.96
CA GLY B 213 -3.15 -11.67 -46.63
C GLY B 213 -2.47 -12.96 -46.23
N PRO B 214 -1.46 -13.38 -47.01
CA PRO B 214 -0.64 -14.55 -46.72
C PRO B 214 -0.11 -14.55 -45.29
N VAL B 215 -0.24 -15.69 -44.64
CA VAL B 215 0.43 -15.94 -43.36
C VAL B 215 1.43 -17.05 -43.62
N LEU B 216 2.33 -17.29 -42.69
CA LEU B 216 3.21 -18.43 -42.80
C LEU B 216 2.57 -19.61 -42.12
N LEU B 217 2.62 -20.77 -42.76
CA LEU B 217 2.24 -22.05 -42.13
C LEU B 217 3.50 -22.80 -41.73
N PRO B 218 3.73 -22.97 -40.42
CA PRO B 218 4.98 -23.51 -39.94
C PRO B 218 5.07 -25.02 -40.04
N ASP B 219 6.29 -25.53 -40.02
CA ASP B 219 6.52 -26.92 -39.75
C ASP B 219 6.27 -27.08 -38.27
N ASN B 220 6.32 -28.32 -37.76
CA ASN B 220 6.15 -28.57 -36.35
C ASN B 220 7.35 -28.07 -35.55
N HIS B 221 7.11 -27.31 -34.50
CA HIS B 221 8.17 -26.81 -33.66
C HIS B 221 7.52 -26.59 -32.33
N TYR B 222 8.27 -26.12 -31.34
CA TYR B 222 7.63 -25.72 -30.09
C TYR B 222 8.19 -24.41 -29.55
N LEU B 223 7.54 -23.83 -28.54
CA LEU B 223 8.08 -22.67 -27.82
C LEU B 223 8.40 -23.02 -26.38
N SER B 224 9.63 -22.75 -26.01
CA SER B 224 10.11 -23.02 -24.66
C SER B 224 9.77 -21.81 -23.77
N TYR B 225 8.91 -21.99 -22.76
CA TYR B 225 8.57 -20.91 -21.81
C TYR B 225 9.26 -21.10 -20.49
N GLN B 226 9.66 -19.99 -19.88
CA GLN B 226 10.21 -19.93 -18.51
C GLN B 226 9.62 -18.68 -17.92
N THR B 227 9.06 -18.77 -16.72
CA THR B 227 8.20 -17.72 -16.19
CA THR B 227 8.29 -17.65 -16.20
C THR B 227 8.48 -17.42 -14.71
N VAL B 228 8.41 -16.15 -14.31
CA VAL B 228 8.63 -15.81 -12.92
C VAL B 228 7.44 -14.96 -12.47
N LEU B 229 6.85 -15.33 -11.34
CA LEU B 229 5.79 -14.51 -10.81
C LEU B 229 6.28 -13.77 -9.56
N SER B 230 5.94 -12.47 -9.45
CA SER B 230 6.25 -11.71 -8.23
C SER B 230 5.23 -10.67 -7.84
N LYS B 231 5.57 -9.93 -6.80
CA LYS B 231 4.71 -8.86 -6.33
C LYS B 231 5.51 -7.57 -6.35
N ASP B 232 4.82 -6.45 -6.37
CA ASP B 232 5.40 -5.13 -6.31
C ASP B 232 5.25 -4.76 -4.85
N PRO B 233 6.39 -4.57 -4.16
CA PRO B 233 6.27 -4.43 -2.71
C PRO B 233 5.44 -3.18 -2.34
N ASN B 234 5.41 -2.20 -3.25
CA ASN B 234 4.63 -0.98 -3.03
C ASN B 234 3.09 -1.08 -3.29
N GLU B 235 2.70 -2.08 -4.09
CA GLU B 235 1.34 -2.16 -4.56
C GLU B 235 0.35 -2.84 -3.59
N LYS B 236 -0.64 -2.09 -3.11
CA LYS B 236 -1.73 -2.65 -2.28
C LYS B 236 -2.92 -3.38 -3.00
N ARG B 237 -3.09 -3.17 -4.31
CA ARG B 237 -4.20 -3.78 -5.07
C ARG B 237 -3.82 -5.22 -5.38
N ASP B 238 -4.82 -6.07 -5.60
CA ASP B 238 -4.61 -7.45 -5.95
C ASP B 238 -3.95 -7.51 -7.32
N HIS B 239 -2.74 -8.04 -7.35
CA HIS B 239 -1.95 -7.84 -8.55
C HIS B 239 -0.97 -9.00 -8.81
N MET B 240 -0.40 -8.99 -10.03
CA MET B 240 0.71 -9.89 -10.38
C MET B 240 1.74 -9.26 -11.35
N VAL B 241 3.02 -9.38 -11.00
CA VAL B 241 4.07 -8.99 -11.90
C VAL B 241 4.53 -10.28 -12.60
N LEU B 242 4.62 -10.26 -13.92
CA LEU B 242 4.85 -11.44 -14.74
C LEU B 242 6.03 -11.24 -15.69
N LEU B 243 6.98 -12.16 -15.68
CA LEU B 243 8.18 -12.15 -16.51
C LEU B 243 8.13 -13.46 -17.33
N GLU B 244 8.06 -13.37 -18.65
CA GLU B 244 8.12 -14.57 -19.50
C GLU B 244 9.37 -14.57 -20.34
N PHE B 245 10.06 -15.71 -20.44
CA PHE B 245 11.12 -15.87 -21.47
C PHE B 245 10.72 -16.94 -22.47
N VAL B 246 10.58 -16.58 -23.74
CA VAL B 246 10.09 -17.52 -24.73
C VAL B 246 11.02 -17.68 -25.94
N THR B 247 11.40 -18.93 -26.23
CA THR B 247 12.26 -19.21 -27.40
C THR B 247 11.72 -20.34 -28.29
N ALA B 248 11.70 -20.10 -29.61
CA ALA B 248 11.32 -21.16 -30.56
C ALA B 248 12.45 -22.18 -30.69
N ALA B 249 12.07 -23.46 -30.72
CA ALA B 249 13.02 -24.57 -30.86
C ALA B 249 12.39 -25.74 -31.62
N GLY B 250 13.19 -26.79 -31.80
CA GLY B 250 12.69 -28.02 -32.37
C GLY B 250 12.97 -28.32 -33.83
N ILE B 251 13.34 -27.30 -34.63
CA ILE B 251 13.75 -27.56 -36.02
C ILE B 251 15.26 -27.44 -36.11
N THR B 252 15.97 -28.53 -35.84
CA THR B 252 17.39 -28.42 -35.45
C THR B 252 18.36 -28.37 -36.63
N LEU B 253 19.15 -27.29 -36.67
CA LEU B 253 20.02 -26.92 -37.80
C LEU B 253 21.21 -27.85 -38.01
N SER C 2 21.47 -7.21 10.68
CA SER C 2 22.14 -6.03 11.27
C SER C 2 23.62 -6.29 11.70
N LYS C 3 24.04 -7.56 11.74
CA LYS C 3 25.46 -7.89 11.79
C LYS C 3 25.87 -8.07 10.31
N GLY C 4 25.58 -9.23 9.74
CA GLY C 4 25.79 -9.45 8.32
C GLY C 4 24.78 -8.73 7.45
N GLU C 5 23.56 -8.55 7.96
CA GLU C 5 22.48 -7.95 7.16
C GLU C 5 22.96 -6.71 6.37
N GLU C 6 23.81 -5.91 7.00
CA GLU C 6 24.25 -4.62 6.45
C GLU C 6 25.16 -4.78 5.25
N LEU C 7 25.86 -5.89 5.16
CA LEU C 7 26.69 -6.16 3.99
C LEU C 7 25.82 -6.30 2.73
N PHE C 8 24.49 -6.39 2.94
CA PHE C 8 23.55 -6.79 1.88
C PHE C 8 22.45 -5.79 1.60
N THR C 9 22.63 -4.56 2.07
CA THR C 9 21.65 -3.50 1.83
C THR C 9 21.62 -3.02 0.36
N GLY C 10 22.72 -3.25 -0.38
CA GLY C 10 22.85 -2.80 -1.78
C GLY C 10 23.11 -3.96 -2.71
N VAL C 11 23.51 -3.65 -3.94
CA VAL C 11 23.81 -4.65 -4.97
C VAL C 11 25.24 -5.09 -4.74
N VAL C 12 25.51 -6.40 -4.76
CA VAL C 12 26.80 -6.92 -4.31
C VAL C 12 27.40 -7.79 -5.40
N PRO C 13 28.70 -7.58 -5.73
CA PRO C 13 29.39 -8.35 -6.77
C PRO C 13 29.66 -9.80 -6.35
N ILE C 14 29.56 -10.72 -7.33
CA ILE C 14 29.67 -12.15 -7.07
C ILE C 14 30.62 -12.85 -8.05
N LEU C 15 31.51 -13.66 -7.51
CA LEU C 15 32.36 -14.54 -8.30
C LEU C 15 32.14 -16.00 -7.93
N VAL C 16 32.01 -16.86 -8.94
CA VAL C 16 31.81 -18.29 -8.71
C VAL C 16 32.86 -19.10 -9.43
N GLU C 17 33.52 -19.97 -8.67
CA GLU C 17 34.61 -20.81 -9.13
C GLU C 17 34.35 -22.29 -8.77
N LEU C 18 34.26 -23.16 -9.78
CA LEU C 18 33.96 -24.58 -9.57
C LEU C 18 34.89 -25.46 -10.36
N ASP C 19 35.52 -26.40 -9.66
CA ASP C 19 36.26 -27.47 -10.33
C ASP C 19 35.55 -28.77 -9.99
N GLY C 20 35.36 -29.60 -11.00
CA GLY C 20 34.63 -30.83 -10.81
C GLY C 20 35.14 -32.02 -11.60
N ASP C 21 34.73 -33.19 -11.13
CA ASP C 21 35.08 -34.47 -11.73
C ASP C 21 33.92 -35.48 -11.66
N VAL C 22 33.31 -35.78 -12.82
CA VAL C 22 32.20 -36.72 -12.89
C VAL C 22 32.57 -37.98 -13.67
N ASN C 23 32.61 -39.13 -12.98
CA ASN C 23 33.05 -40.38 -13.61
C ASN C 23 34.41 -40.24 -14.27
N GLY C 24 35.29 -39.41 -13.74
CA GLY C 24 36.60 -39.25 -14.35
C GLY C 24 36.73 -38.05 -15.28
N HIS C 25 35.61 -37.59 -15.86
CA HIS C 25 35.63 -36.40 -16.72
C HIS C 25 35.85 -35.12 -15.92
N LYS C 26 37.12 -34.72 -15.79
CA LYS C 26 37.49 -33.47 -15.12
C LYS C 26 37.02 -32.25 -15.91
N PHE C 27 36.62 -31.19 -15.22
CA PHE C 27 36.20 -29.96 -15.87
C PHE C 27 36.09 -28.83 -14.84
N SER C 28 35.96 -27.58 -15.30
CA SER C 28 35.70 -26.49 -14.37
C SER C 28 34.89 -25.30 -14.95
N VAL C 29 34.36 -24.47 -14.05
CA VAL C 29 33.45 -23.40 -14.45
C VAL C 29 33.83 -22.12 -13.72
N ARG C 30 33.66 -20.99 -14.41
CA ARG C 30 33.82 -19.66 -13.81
C ARG C 30 32.58 -18.85 -14.14
N GLY C 31 32.00 -18.24 -13.12
CA GLY C 31 30.84 -17.41 -13.30
C GLY C 31 31.09 -16.09 -12.64
N GLU C 32 30.41 -15.06 -13.13
CA GLU C 32 30.39 -13.81 -12.38
C GLU C 32 29.02 -13.13 -12.45
N GLY C 33 28.77 -12.21 -11.52
CA GLY C 33 27.59 -11.36 -11.59
C GLY C 33 27.31 -10.55 -10.34
N GLU C 34 26.02 -10.45 -9.99
CA GLU C 34 25.53 -9.51 -8.97
C GLU C 34 24.36 -10.12 -8.24
N GLY C 35 24.25 -9.82 -6.94
CA GLY C 35 23.05 -10.11 -6.17
C GLY C 35 22.46 -8.91 -5.41
N ASP C 36 21.15 -8.95 -5.22
CA ASP C 36 20.44 -7.90 -4.53
C ASP C 36 19.39 -8.48 -3.53
N ALA C 37 19.83 -8.72 -2.31
CA ALA C 37 18.94 -9.32 -1.29
C ALA C 37 17.69 -8.53 -0.96
N THR C 38 17.67 -7.22 -1.23
CA THR C 38 16.52 -6.42 -0.84
C THR C 38 15.32 -6.82 -1.69
N ILE C 39 15.61 -7.37 -2.85
CA ILE C 39 14.56 -7.80 -3.75
C ILE C 39 14.71 -9.30 -4.03
N GLY C 40 15.78 -9.90 -3.50
CA GLY C 40 16.04 -11.33 -3.64
C GLY C 40 16.37 -11.79 -5.04
N LYS C 41 17.27 -11.10 -5.73
CA LYS C 41 17.53 -11.39 -7.13
C LYS C 41 19.02 -11.63 -7.43
N LEU C 42 19.33 -12.62 -8.25
CA LEU C 42 20.69 -12.88 -8.63
C LEU C 42 20.77 -12.93 -10.17
N THR C 43 21.76 -12.28 -10.76
CA THR C 43 22.02 -12.54 -12.17
C THR C 43 23.46 -12.99 -12.33
N LEU C 44 23.70 -14.04 -13.12
CA LEU C 44 25.07 -14.55 -13.33
C LEU C 44 25.32 -15.14 -14.72
N LYS C 45 26.56 -14.98 -15.26
CA LYS C 45 27.02 -15.73 -16.47
C LYS C 45 28.07 -16.77 -16.03
N PHE C 46 28.02 -17.99 -16.58
CA PHE C 46 29.02 -19.03 -16.27
C PHE C 46 29.69 -19.56 -17.55
N ILE C 47 31.00 -19.72 -17.51
CA ILE C 47 31.75 -20.25 -18.64
C ILE C 47 32.32 -21.61 -18.26
N CYS C 48 32.13 -22.60 -19.11
CA CYS C 48 32.90 -23.81 -18.95
C CYS C 48 34.33 -23.52 -19.45
N THR C 49 35.28 -23.53 -18.53
CA THR C 49 36.63 -23.13 -18.88
C THR C 49 37.50 -24.25 -19.40
N THR C 50 36.99 -25.48 -19.52
CA THR C 50 37.79 -26.59 -20.09
C THR C 50 37.34 -27.08 -21.47
N GLY C 51 36.18 -26.65 -21.93
CA GLY C 51 35.76 -26.96 -23.30
C GLY C 51 34.25 -27.13 -23.37
N LYS C 52 33.84 -28.33 -23.78
CA LYS C 52 32.47 -28.80 -23.64
C LYS C 52 32.22 -29.20 -22.20
N LEU C 53 31.12 -28.71 -21.64
CA LEU C 53 30.68 -29.15 -20.33
C LEU C 53 30.23 -30.59 -20.46
N PRO C 54 30.84 -31.50 -19.68
CA PRO C 54 30.54 -32.91 -19.76
C PRO C 54 29.19 -33.32 -19.13
N VAL C 55 28.59 -32.48 -18.30
CA VAL C 55 27.26 -32.76 -17.74
C VAL C 55 26.28 -31.68 -18.21
N PRO C 56 24.98 -31.87 -17.99
CA PRO C 56 24.13 -30.77 -18.40
C PRO C 56 24.18 -29.58 -17.43
N TRP C 57 24.21 -28.39 -18.00
CA TRP C 57 24.12 -27.15 -17.23
C TRP C 57 23.04 -27.21 -16.11
N PRO C 58 21.78 -27.64 -16.41
CA PRO C 58 20.77 -27.64 -15.33
C PRO C 58 21.22 -28.43 -14.10
N THR C 59 22.05 -29.45 -14.29
CA THR C 59 22.46 -30.26 -13.14
C THR C 59 23.33 -29.47 -12.17
N LEU C 60 23.90 -28.36 -12.61
CA LEU C 60 24.84 -27.62 -11.78
C LEU C 60 24.19 -26.37 -11.19
N VAL C 61 23.03 -25.99 -11.74
CA VAL C 61 22.33 -24.81 -11.23
C VAL C 61 22.30 -24.65 -9.69
N THR C 62 21.88 -25.68 -8.95
CA THR C 62 21.74 -25.55 -7.48
C THR C 62 23.10 -25.44 -6.79
N THR C 63 24.13 -26.04 -7.39
CA THR C 63 25.48 -25.95 -6.86
C THR C 63 26.10 -24.58 -7.14
N LEU C 64 25.86 -24.03 -8.32
CA LEU C 64 26.44 -22.76 -8.67
C LEU C 64 25.79 -21.65 -7.89
N LEU C 66 23.99 -19.56 -3.47
CA LEU C 66 24.16 -18.16 -3.03
C LEU C 66 22.95 -17.75 -2.16
N GLN C 67 22.59 -18.64 -1.23
CA GLN C 67 21.35 -18.49 -0.44
C GLN C 67 21.36 -17.28 0.47
N CYS C 68 22.54 -16.69 0.67
CA CYS C 68 22.65 -15.45 1.40
C CYS C 68 22.01 -14.27 0.65
N PHE C 69 21.56 -14.49 -0.59
CA PHE C 69 20.79 -13.44 -1.30
C PHE C 69 19.24 -13.51 -1.22
N ALA C 70 18.73 -14.48 -0.47
CA ALA C 70 17.28 -14.60 -0.28
C ALA C 70 16.72 -13.28 0.30
N ARG C 71 15.57 -12.84 -0.21
CA ARG C 71 14.86 -11.76 0.46
C ARG C 71 14.09 -12.35 1.67
N TYR C 72 14.52 -11.96 2.86
CA TYR C 72 13.80 -12.29 4.09
C TYR C 72 12.87 -11.12 4.44
N PRO C 73 11.56 -11.40 4.56
CA PRO C 73 10.66 -10.32 5.01
C PRO C 73 11.05 -9.83 6.37
N ASP C 74 10.74 -8.58 6.67
CA ASP C 74 10.94 -7.98 8.00
C ASP C 74 10.63 -8.89 9.18
N HIS C 75 9.45 -9.47 9.20
CA HIS C 75 9.00 -10.22 10.37
C HIS C 75 9.81 -11.50 10.53
N MET C 76 10.54 -11.91 9.50
CA MET C 76 11.28 -13.18 9.51
C MET C 76 12.79 -13.02 9.63
N LYS C 77 13.21 -11.76 9.69
CA LYS C 77 14.62 -11.35 9.69
C LYS C 77 15.53 -12.09 10.70
N GLN C 78 15.01 -12.41 11.88
CA GLN C 78 15.80 -13.20 12.82
C GLN C 78 15.93 -14.68 12.46
N HIS C 79 15.49 -15.08 11.28
CA HIS C 79 15.68 -16.45 10.84
C HIS C 79 16.69 -16.57 9.66
N ASP C 80 17.46 -15.52 9.44
CA ASP C 80 18.39 -15.45 8.32
C ASP C 80 19.80 -15.81 8.78
N PHE C 81 20.04 -17.12 8.85
CA PHE C 81 21.34 -17.61 9.22
C PHE C 81 22.41 -17.16 8.21
N PHE C 82 22.07 -17.25 6.92
CA PHE C 82 23.05 -17.04 5.84
C PHE C 82 23.75 -15.71 5.96
N LYS C 83 22.97 -14.65 6.12
CA LYS C 83 23.52 -13.31 6.18
C LYS C 83 24.26 -13.13 7.48
N SER C 84 23.94 -13.93 8.50
CA SER C 84 24.57 -13.70 9.81
C SER C 84 25.89 -14.46 9.95
N ALA C 85 26.58 -14.73 8.85
CA ALA C 85 27.72 -15.61 8.92
C ALA C 85 29.15 -15.07 8.64
N MET C 86 29.39 -13.81 8.29
CA MET C 86 29.27 -13.11 6.99
C MET C 86 29.73 -11.73 7.54
N PRO C 87 30.98 -11.26 7.25
CA PRO C 87 32.14 -11.59 6.39
C PRO C 87 32.19 -13.06 6.08
N GLU C 88 32.34 -13.97 7.03
CA GLU C 88 33.57 -14.60 7.40
C GLU C 88 33.15 -15.90 6.67
N GLY C 89 31.83 -16.09 6.57
CA GLY C 89 31.20 -16.98 5.60
C GLY C 89 30.73 -18.30 6.15
N TYR C 90 30.21 -19.15 5.27
CA TYR C 90 29.86 -20.51 5.66
C TYR C 90 30.39 -21.55 4.68
N VAL C 91 30.60 -22.78 5.17
CA VAL C 91 30.78 -23.94 4.27
C VAL C 91 29.40 -24.52 3.97
N GLN C 92 29.10 -24.71 2.69
CA GLN C 92 27.84 -25.34 2.24
C GLN C 92 28.18 -26.71 1.61
N GLU C 93 27.59 -27.78 2.13
CA GLU C 93 27.82 -29.12 1.60
C GLU C 93 26.53 -29.81 1.19
N ARG C 94 26.60 -30.60 0.13
CA ARG C 94 25.41 -31.26 -0.35
C ARG C 94 25.69 -32.66 -0.85
N THR C 95 24.66 -33.50 -0.74
CA THR C 95 24.62 -34.69 -1.56
C THR C 95 23.40 -34.59 -2.44
N ILE C 96 23.62 -34.71 -3.75
CA ILE C 96 22.53 -34.75 -4.70
C ILE C 96 22.46 -36.13 -5.36
N SER C 97 21.35 -36.85 -5.17
CA SER C 97 21.19 -38.18 -5.82
C SER C 97 20.12 -38.22 -6.86
N PHE C 98 20.55 -38.47 -8.08
CA PHE C 98 19.70 -38.53 -9.24
C PHE C 98 19.05 -39.92 -9.28
N LYS C 99 17.72 -39.95 -9.26
CA LYS C 99 16.98 -41.13 -8.87
C LYS C 99 17.53 -42.42 -9.44
N ASP C 100 17.60 -42.58 -10.76
CA ASP C 100 18.13 -43.90 -11.22
C ASP C 100 19.52 -43.81 -11.82
N ASP C 101 20.41 -43.10 -11.13
CA ASP C 101 21.65 -42.64 -11.72
C ASP C 101 22.62 -42.27 -10.62
N GLY C 102 23.64 -41.48 -10.95
CA GLY C 102 24.70 -41.16 -10.01
C GLY C 102 24.42 -40.09 -8.97
N LYS C 103 25.43 -39.82 -8.15
CA LYS C 103 25.39 -38.82 -7.08
C LYS C 103 26.43 -37.74 -7.38
N TYR C 104 26.12 -36.50 -7.05
CA TYR C 104 27.14 -35.46 -6.86
C TYR C 104 27.36 -35.30 -5.36
N LYS C 105 28.60 -35.06 -4.97
CA LYS C 105 28.89 -34.58 -3.62
C LYS C 105 29.58 -33.22 -3.78
N THR C 106 29.13 -32.21 -3.04
CA THR C 106 29.72 -30.88 -3.17
C THR C 106 30.09 -30.31 -1.82
N ARG C 107 31.14 -29.49 -1.82
CA ARG C 107 31.55 -28.70 -0.68
C ARG C 107 31.93 -27.31 -1.21
N ALA C 108 31.50 -26.26 -0.52
CA ALA C 108 31.62 -24.90 -1.06
C ALA C 108 31.98 -23.87 -0.01
N VAL C 109 33.00 -23.07 -0.26
CA VAL C 109 33.29 -22.01 0.68
C VAL C 109 32.62 -20.77 0.15
N VAL C 110 31.82 -20.15 1.01
CA VAL C 110 31.01 -19.00 0.65
C VAL C 110 31.26 -17.88 1.66
N LYS C 111 32.11 -16.93 1.29
CA LYS C 111 32.57 -15.85 2.15
C LYS C 111 32.82 -14.53 1.36
N PHE C 112 33.10 -13.43 2.03
CA PHE C 112 33.58 -12.25 1.30
C PHE C 112 35.09 -12.29 1.10
N GLU C 113 35.52 -11.97 -0.11
CA GLU C 113 36.93 -11.75 -0.37
C GLU C 113 37.04 -10.31 -0.85
N GLY C 114 37.41 -9.43 0.07
CA GLY C 114 37.29 -8.01 -0.16
C GLY C 114 35.85 -7.62 -0.38
N ASP C 115 35.64 -6.70 -1.31
CA ASP C 115 34.38 -6.39 -1.96
C ASP C 115 33.38 -7.49 -2.33
N THR C 116 33.87 -8.69 -2.62
CA THR C 116 33.13 -9.61 -3.44
C THR C 116 32.76 -10.84 -2.65
N LEU C 117 31.52 -11.29 -2.84
CA LEU C 117 31.04 -12.52 -2.26
C LEU C 117 31.40 -13.67 -3.21
N VAL C 118 32.20 -14.59 -2.70
CA VAL C 118 32.80 -15.62 -3.55
C VAL C 118 32.23 -16.96 -3.17
N ASN C 119 31.91 -17.76 -4.19
CA ASN C 119 31.40 -19.13 -4.04
C ASN C 119 32.35 -20.08 -4.75
N ARG C 120 33.13 -20.81 -3.95
CA ARG C 120 34.19 -21.67 -4.44
C ARG C 120 33.81 -23.10 -4.19
N ILE C 121 33.66 -23.88 -5.27
CA ILE C 121 33.12 -25.24 -5.16
C ILE C 121 34.05 -26.33 -5.68
N GLU C 122 34.18 -27.39 -4.88
CA GLU C 122 34.61 -28.72 -5.31
C GLU C 122 33.39 -29.57 -5.52
N LEU C 123 33.30 -30.25 -6.67
CA LEU C 123 32.22 -31.21 -6.94
C LEU C 123 32.77 -32.47 -7.58
N LYS C 124 32.36 -33.59 -7.01
CA LYS C 124 32.74 -34.89 -7.50
C LYS C 124 31.49 -35.78 -7.76
N GLY C 125 31.40 -36.32 -8.98
CA GLY C 125 30.26 -37.14 -9.42
C GLY C 125 30.64 -38.58 -9.64
N THR C 126 29.79 -39.50 -9.16
CA THR C 126 30.10 -40.93 -9.26
C THR C 126 28.87 -41.78 -9.59
N ASP C 127 29.13 -42.89 -10.26
CA ASP C 127 28.16 -43.92 -10.63
C ASP C 127 27.08 -43.49 -11.58
N PHE C 128 27.40 -42.59 -12.50
CA PHE C 128 26.43 -42.21 -13.52
C PHE C 128 26.39 -43.21 -14.65
N LYS C 129 25.19 -43.52 -15.10
CA LYS C 129 25.01 -44.37 -16.25
C LYS C 129 25.46 -43.62 -17.51
N GLU C 130 26.41 -44.18 -18.26
CA GLU C 130 26.80 -43.59 -19.55
C GLU C 130 25.52 -43.36 -20.35
N ASP C 131 24.54 -44.19 -20.06
CA ASP C 131 23.33 -44.30 -20.83
C ASP C 131 22.29 -43.24 -20.40
N GLY C 132 22.45 -42.71 -19.20
CA GLY C 132 21.42 -41.93 -18.52
C GLY C 132 21.08 -40.53 -19.00
N ASN C 133 20.27 -39.83 -18.21
CA ASN C 133 19.86 -38.48 -18.56
C ASN C 133 20.93 -37.40 -18.38
N ILE C 134 21.91 -37.68 -17.53
CA ILE C 134 22.97 -36.75 -17.24
C ILE C 134 24.07 -36.86 -18.30
N LEU C 135 24.86 -37.93 -18.27
CA LEU C 135 25.93 -38.16 -19.27
C LEU C 135 25.39 -38.26 -20.70
N GLY C 136 24.18 -38.77 -20.85
CA GLY C 136 23.56 -38.77 -22.16
C GLY C 136 22.93 -37.46 -22.58
N HIS C 137 23.09 -36.41 -21.77
CA HIS C 137 22.60 -35.08 -22.09
C HIS C 137 21.14 -35.07 -22.58
N LYS C 138 20.23 -35.61 -21.79
CA LYS C 138 18.83 -35.65 -22.20
C LYS C 138 17.93 -34.63 -21.47
N LEU C 139 18.53 -33.76 -20.64
CA LEU C 139 17.73 -32.78 -19.87
C LEU C 139 17.45 -31.47 -20.62
N GLU C 140 16.27 -30.89 -20.48
CA GLU C 140 15.96 -29.69 -21.24
C GLU C 140 16.61 -28.49 -20.58
N TYR C 141 16.72 -27.40 -21.34
CA TYR C 141 17.50 -26.25 -20.91
C TYR C 141 16.55 -25.30 -20.22
N ASN C 142 16.16 -25.66 -19.01
CA ASN C 142 15.22 -24.86 -18.21
C ASN C 142 15.21 -25.37 -16.78
N PHE C 143 14.38 -24.76 -15.94
CA PHE C 143 14.35 -25.12 -14.53
C PHE C 143 12.94 -24.84 -14.02
N ASN C 144 12.41 -25.80 -13.27
CA ASN C 144 11.17 -25.68 -12.56
C ASN C 144 11.30 -24.92 -11.24
N SER C 145 10.15 -24.64 -10.59
CA SER C 145 10.13 -23.93 -9.30
C SER C 145 10.19 -24.89 -8.13
N HIS C 146 10.94 -24.52 -7.09
CA HIS C 146 11.11 -25.37 -5.88
C HIS C 146 11.18 -24.61 -4.54
N ASN C 147 10.82 -25.32 -3.48
CA ASN C 147 11.03 -24.86 -2.12
C ASN C 147 12.12 -25.64 -1.40
N VAL C 148 13.06 -24.86 -0.87
CA VAL C 148 14.14 -25.36 -0.03
C VAL C 148 13.69 -25.19 1.42
N TYR C 149 13.45 -26.31 2.12
CA TYR C 149 13.03 -26.34 3.56
C TYR C 149 14.22 -26.39 4.50
N ILE C 150 14.32 -25.37 5.35
CA ILE C 150 15.45 -25.15 6.22
C ILE C 150 15.12 -25.49 7.67
N THR C 151 16.11 -26.02 8.36
CA THR C 151 15.88 -26.37 9.73
C THR C 151 17.17 -26.19 10.54
N ALA C 152 17.04 -25.70 11.77
CA ALA C 152 18.17 -25.50 12.66
C ALA C 152 18.92 -26.80 12.91
N THR C 153 20.24 -26.70 12.97
CA THR C 153 21.12 -27.83 13.33
C THR C 153 22.08 -27.39 14.45
N ARG C 154 21.55 -27.31 15.67
CA ARG C 154 22.26 -26.73 16.84
C ARG C 154 23.60 -27.40 17.26
N GLY C 155 24.22 -26.87 18.31
CA GLY C 155 25.56 -27.28 18.76
C GLY C 155 25.65 -28.56 19.59
N THR C 156 25.53 -28.41 20.91
CA THR C 156 25.84 -29.49 21.90
C THR C 156 25.17 -30.84 21.58
N LYS C 178 30.26 -32.74 14.75
CA LYS C 178 29.76 -32.40 16.09
C LYS C 178 29.37 -30.91 16.19
N GLN C 179 30.05 -30.18 17.09
CA GLN C 179 29.75 -28.78 17.52
C GLN C 179 29.54 -27.69 16.42
N LYS C 180 29.39 -26.44 16.87
CA LYS C 180 29.12 -25.26 16.00
C LYS C 180 27.71 -25.24 15.40
N ASN C 181 26.95 -24.18 15.71
CA ASN C 181 25.54 -24.06 15.30
C ASN C 181 25.32 -23.82 13.82
N GLY C 182 24.59 -24.73 13.18
CA GLY C 182 24.32 -24.61 11.74
C GLY C 182 22.91 -24.87 11.25
N ILE C 183 22.79 -25.04 9.94
CA ILE C 183 21.53 -25.21 9.25
C ILE C 183 21.54 -26.50 8.43
N LYS C 184 20.42 -27.20 8.38
CA LYS C 184 20.25 -28.31 7.46
C LYS C 184 19.12 -27.94 6.47
N ALA C 185 19.13 -28.52 5.27
CA ALA C 185 17.99 -28.35 4.37
C ALA C 185 17.80 -29.49 3.38
N ASN C 186 16.55 -29.65 2.95
CA ASN C 186 16.10 -30.78 2.16
C ASN C 186 15.14 -30.40 1.04
N PHE C 187 15.43 -30.87 -0.17
CA PHE C 187 14.49 -30.68 -1.24
C PHE C 187 14.73 -31.61 -2.41
N THR C 188 13.74 -31.75 -3.27
CA THR C 188 13.90 -32.53 -4.49
C THR C 188 13.78 -31.66 -5.75
N VAL C 189 14.85 -31.59 -6.53
CA VAL C 189 14.74 -30.93 -7.81
C VAL C 189 14.08 -31.80 -8.88
N ARG C 190 13.26 -31.14 -9.70
CA ARG C 190 12.61 -31.80 -10.82
C ARG C 190 13.17 -31.25 -12.15
N HIS C 191 14.06 -32.02 -12.79
CA HIS C 191 14.62 -31.67 -14.10
C HIS C 191 13.75 -32.24 -15.22
N ASN C 192 13.08 -31.37 -15.99
CA ASN C 192 12.40 -31.81 -17.22
C ASN C 192 13.36 -32.54 -18.19
N VAL C 193 12.91 -33.70 -18.68
CA VAL C 193 13.69 -34.51 -19.61
C VAL C 193 13.18 -34.28 -21.03
N GLU C 194 14.08 -34.40 -22.01
CA GLU C 194 13.75 -34.07 -23.42
C GLU C 194 12.47 -34.78 -23.94
N ASP C 195 12.07 -35.91 -23.32
CA ASP C 195 10.93 -36.74 -23.75
C ASP C 195 9.64 -36.57 -22.93
N GLY C 196 9.65 -35.59 -22.04
CA GLY C 196 8.45 -35.20 -21.30
C GLY C 196 8.38 -35.87 -19.94
N SER C 197 9.37 -36.67 -19.62
CA SER C 197 9.46 -37.27 -18.30
C SER C 197 10.26 -36.33 -17.37
N VAL C 198 10.42 -36.73 -16.11
CA VAL C 198 11.13 -35.95 -15.14
C VAL C 198 12.28 -36.72 -14.57
N GLN C 199 13.40 -36.04 -14.35
CA GLN C 199 14.52 -36.62 -13.63
C GLN C 199 14.55 -35.99 -12.25
N LEU C 200 14.21 -36.77 -11.22
CA LEU C 200 14.28 -36.26 -9.85
C LEU C 200 15.74 -36.24 -9.37
N ALA C 201 16.08 -35.19 -8.62
CA ALA C 201 17.37 -35.07 -7.95
C ALA C 201 17.19 -34.69 -6.49
N ASP C 202 17.42 -35.64 -5.57
CA ASP C 202 17.24 -35.34 -4.14
C ASP C 202 18.43 -34.63 -3.53
N HIS C 203 18.15 -33.55 -2.82
CA HIS C 203 19.17 -32.70 -2.25
C HIS C 203 19.22 -32.77 -0.73
N TYR C 204 20.38 -33.12 -0.19
CA TYR C 204 20.64 -33.04 1.24
CA TYR C 204 20.63 -33.03 1.25
C TYR C 204 21.72 -31.99 1.48
N GLN C 205 21.47 -31.05 2.40
CA GLN C 205 22.35 -29.89 2.57
C GLN C 205 22.75 -29.68 4.03
N GLN C 206 23.93 -29.07 4.22
CA GLN C 206 24.44 -28.60 5.55
C GLN C 206 25.16 -27.27 5.41
N ASN C 207 24.99 -26.40 6.41
CA ASN C 207 25.69 -25.14 6.40
C ASN C 207 26.35 -24.84 7.72
N THR C 208 27.67 -24.78 7.71
CA THR C 208 28.47 -24.46 8.89
C THR C 208 29.13 -23.08 8.75
N PRO C 209 29.03 -22.23 9.81
CA PRO C 209 29.76 -20.97 9.85
C PRO C 209 31.28 -21.15 9.98
N ILE C 210 32.03 -20.33 9.25
CA ILE C 210 33.50 -20.32 9.28
C ILE C 210 34.04 -19.58 10.50
N GLY C 211 33.41 -18.45 10.83
CA GLY C 211 33.77 -17.71 12.06
C GLY C 211 33.30 -18.42 13.32
N ASP C 212 33.51 -17.77 14.47
CA ASP C 212 33.06 -18.29 15.78
C ASP C 212 32.08 -17.36 16.49
N GLY C 213 31.86 -16.18 15.90
CA GLY C 213 30.91 -15.22 16.45
C GLY C 213 29.51 -15.78 16.30
N PRO C 214 28.57 -15.37 17.18
CA PRO C 214 27.20 -15.87 17.15
C PRO C 214 26.53 -15.79 15.77
N VAL C 215 25.75 -16.81 15.44
CA VAL C 215 24.89 -16.84 14.25
C VAL C 215 23.44 -17.12 14.62
N LEU C 216 22.51 -16.66 13.80
CA LEU C 216 21.08 -16.92 14.03
C LEU C 216 20.71 -18.38 13.74
N LEU C 217 20.06 -19.01 14.70
CA LEU C 217 19.43 -20.31 14.48
C LEU C 217 17.96 -20.08 14.22
N PRO C 218 17.44 -20.53 13.08
CA PRO C 218 16.04 -20.26 12.71
C PRO C 218 15.02 -21.35 13.08
N ASP C 219 13.75 -20.96 13.15
CA ASP C 219 12.68 -21.96 13.13
C ASP C 219 12.54 -22.49 11.70
N ASN C 220 11.72 -23.52 11.52
CA ASN C 220 11.53 -24.08 10.20
C ASN C 220 10.82 -23.10 9.27
N HIS C 221 11.40 -22.94 8.10
CA HIS C 221 10.81 -22.09 7.10
C HIS C 221 11.37 -22.60 5.80
N TYR C 222 11.01 -21.95 4.71
CA TYR C 222 11.62 -22.34 3.44
C TYR C 222 12.02 -21.13 2.56
N LEU C 223 12.77 -21.44 1.50
CA LEU C 223 13.12 -20.44 0.48
C LEU C 223 12.44 -20.92 -0.76
N SER C 224 11.81 -19.97 -1.44
CA SER C 224 11.03 -20.23 -2.62
C SER C 224 11.85 -19.71 -3.80
N TYR C 225 12.23 -20.63 -4.68
CA TYR C 225 13.06 -20.28 -5.82
C TYR C 225 12.23 -20.25 -7.05
N GLN C 226 12.49 -19.26 -7.90
CA GLN C 226 12.10 -19.33 -9.32
C GLN C 226 13.34 -18.98 -10.14
N THR C 227 13.56 -19.69 -11.23
CA THR C 227 14.85 -19.66 -11.92
C THR C 227 14.67 -19.73 -13.42
N VAL C 228 15.38 -18.87 -14.16
CA VAL C 228 15.39 -18.86 -15.63
C VAL C 228 16.81 -19.11 -16.15
N LEU C 229 16.96 -19.98 -17.17
CA LEU C 229 18.24 -20.20 -17.86
C LEU C 229 18.19 -19.65 -19.28
N SER C 230 19.27 -18.99 -19.70
CA SER C 230 19.34 -18.54 -21.06
C SER C 230 20.78 -18.52 -21.59
N LYS C 231 20.90 -18.01 -22.81
CA LYS C 231 22.20 -17.85 -23.45
C LYS C 231 22.54 -16.40 -23.80
N ASP C 232 23.83 -16.11 -23.81
CA ASP C 232 24.43 -14.86 -24.32
C ASP C 232 24.53 -15.05 -25.81
N PRO C 233 23.80 -14.23 -26.58
CA PRO C 233 23.87 -14.39 -28.05
C PRO C 233 25.28 -14.15 -28.64
N ASN C 234 26.18 -13.55 -27.87
CA ASN C 234 27.54 -13.24 -28.33
C ASN C 234 28.62 -14.16 -27.75
N GLU C 235 28.25 -14.99 -26.76
CA GLU C 235 29.21 -15.91 -26.17
C GLU C 235 29.46 -17.14 -27.04
N LYS C 236 30.69 -17.28 -27.53
CA LYS C 236 31.11 -18.44 -28.32
C LYS C 236 31.38 -19.67 -27.44
N ARG C 237 32.03 -19.51 -26.29
CA ARG C 237 32.32 -20.63 -25.38
CA ARG C 237 32.32 -20.65 -25.40
C ARG C 237 31.03 -21.26 -24.84
N ASP C 238 31.11 -22.49 -24.31
CA ASP C 238 29.96 -23.18 -23.72
C ASP C 238 29.61 -22.57 -22.35
N HIS C 239 28.39 -22.09 -22.19
CA HIS C 239 28.09 -21.21 -21.08
C HIS C 239 26.64 -21.27 -20.56
N MET C 240 26.38 -20.59 -19.43
CA MET C 240 25.02 -20.44 -18.93
C MET C 240 24.69 -19.07 -18.27
N VAL C 241 23.68 -18.39 -18.79
CA VAL C 241 23.15 -17.19 -18.11
C VAL C 241 22.01 -17.64 -17.19
N LEU C 242 22.17 -17.38 -15.90
CA LEU C 242 21.26 -17.77 -14.85
C LEU C 242 20.61 -16.55 -14.19
N LEU C 243 19.34 -16.71 -13.84
CA LEU C 243 18.63 -15.68 -13.13
C LEU C 243 17.81 -16.37 -12.03
N GLU C 244 17.86 -15.83 -10.81
CA GLU C 244 17.16 -16.45 -9.66
C GLU C 244 16.36 -15.41 -8.88
N PHE C 245 15.15 -15.79 -8.48
CA PHE C 245 14.35 -14.99 -7.58
C PHE C 245 14.07 -15.87 -6.37
N VAL C 246 14.64 -15.47 -5.23
CA VAL C 246 14.51 -16.19 -3.96
C VAL C 246 13.82 -15.39 -2.87
N THR C 247 12.73 -15.93 -2.31
CA THR C 247 12.04 -15.27 -1.22
C THR C 247 11.83 -16.23 -0.07
N ALA C 248 12.17 -15.83 1.16
CA ALA C 248 11.86 -16.65 2.35
C ALA C 248 10.39 -16.55 2.70
N ALA C 249 9.83 -17.68 3.09
CA ALA C 249 8.44 -17.75 3.52
C ALA C 249 8.30 -18.83 4.61
N GLY C 250 7.13 -18.89 5.23
CA GLY C 250 6.80 -20.02 6.05
C GLY C 250 6.63 -19.73 7.53
N ILE C 251 6.83 -18.49 7.96
CA ILE C 251 6.34 -18.12 9.30
C ILE C 251 5.40 -16.90 9.16
N THR C 252 4.32 -16.85 9.95
CA THR C 252 3.26 -15.83 9.72
C THR C 252 3.37 -14.54 10.57
N LEU C 253 2.74 -14.55 11.76
CA LEU C 253 2.76 -13.42 12.75
C LEU C 253 1.91 -13.76 13.97
N SER D 2 -43.96 22.39 5.60
CA SER D 2 -44.88 23.51 5.18
C SER D 2 -44.44 24.92 5.70
N LYS D 3 -44.93 25.29 6.91
CA LYS D 3 -44.36 26.40 7.71
C LYS D 3 -42.90 26.05 8.14
N GLY D 4 -42.65 24.75 8.31
CA GLY D 4 -41.32 24.20 8.55
C GLY D 4 -40.25 24.72 7.62
N GLU D 5 -40.53 24.73 6.31
CA GLU D 5 -39.55 25.11 5.27
C GLU D 5 -39.04 26.52 5.44
N GLU D 6 -39.93 27.40 5.89
CA GLU D 6 -39.61 28.79 6.15
C GLU D 6 -38.33 28.92 6.98
N LEU D 7 -37.95 27.88 7.72
CA LEU D 7 -36.73 27.94 8.50
C LEU D 7 -35.45 27.72 7.68
N PHE D 8 -35.58 27.08 6.53
CA PHE D 8 -34.42 26.67 5.71
C PHE D 8 -34.19 27.58 4.49
N THR D 9 -34.69 28.81 4.54
CA THR D 9 -34.55 29.70 3.37
C THR D 9 -33.20 30.44 3.33
N GLY D 10 -32.43 30.35 4.41
CA GLY D 10 -31.08 30.92 4.47
C GLY D 10 -30.07 29.91 4.95
N VAL D 11 -28.86 30.39 5.23
CA VAL D 11 -27.78 29.57 5.77
C VAL D 11 -28.08 29.35 7.24
N VAL D 12 -28.10 28.10 7.68
CA VAL D 12 -28.45 27.75 9.06
C VAL D 12 -27.26 27.13 9.80
N PRO D 13 -26.97 27.62 11.03
CA PRO D 13 -25.92 27.03 11.87
C PRO D 13 -26.26 25.61 12.25
N ILE D 14 -25.26 24.74 12.29
CA ILE D 14 -25.46 23.34 12.66
C ILE D 14 -24.51 22.91 13.80
N LEU D 15 -25.08 22.22 14.79
CA LEU D 15 -24.32 21.64 15.89
C LEU D 15 -24.52 20.14 15.94
N VAL D 16 -23.42 19.37 15.83
CA VAL D 16 -23.49 17.92 15.93
C VAL D 16 -22.70 17.36 17.12
N GLU D 17 -23.31 16.42 17.83
CA GLU D 17 -22.68 15.74 18.97
C GLU D 17 -22.94 14.24 18.98
N LEU D 18 -21.88 13.45 19.14
CA LEU D 18 -22.01 11.98 19.11
C LEU D 18 -21.27 11.25 20.22
N ASP D 19 -21.98 10.35 20.92
CA ASP D 19 -21.38 9.40 21.90
C ASP D 19 -21.39 8.00 21.36
N GLY D 20 -20.20 7.40 21.34
CA GLY D 20 -20.02 6.11 20.71
C GLY D 20 -19.38 5.06 21.61
N ASP D 21 -19.73 3.81 21.30
CA ASP D 21 -19.17 2.60 21.91
C ASP D 21 -19.20 1.49 20.85
N VAL D 22 -18.02 1.15 20.33
CA VAL D 22 -17.89 0.10 19.34
C VAL D 22 -17.05 -1.02 19.93
N ASN D 23 -17.62 -2.21 20.03
CA ASN D 23 -16.91 -3.32 20.66
C ASN D 23 -16.25 -2.81 21.94
N GLY D 24 -17.00 -2.03 22.73
CA GLY D 24 -16.49 -1.52 24.01
C GLY D 24 -15.41 -0.44 23.99
N HIS D 25 -15.02 0.06 22.82
CA HIS D 25 -14.21 1.29 22.81
C HIS D 25 -15.16 2.48 22.83
N LYS D 26 -15.07 3.28 23.89
CA LYS D 26 -15.97 4.40 24.06
C LYS D 26 -15.31 5.66 23.51
N PHE D 27 -16.02 6.46 22.72
CA PHE D 27 -15.46 7.70 22.16
C PHE D 27 -16.55 8.78 21.95
N SER D 28 -16.13 10.00 21.64
CA SER D 28 -17.06 11.07 21.34
C SER D 28 -16.61 12.01 20.21
N VAL D 29 -17.58 12.64 19.57
CA VAL D 29 -17.35 13.57 18.48
C VAL D 29 -18.26 14.80 18.61
N ARG D 30 -17.69 15.98 18.31
CA ARG D 30 -18.49 17.19 18.06
C ARG D 30 -18.24 17.81 16.67
N GLY D 31 -19.30 18.34 16.08
CA GLY D 31 -19.22 19.02 14.80
C GLY D 31 -19.92 20.36 14.88
N GLU D 32 -19.32 21.36 14.23
CA GLU D 32 -19.93 22.66 13.97
C GLU D 32 -19.91 22.92 12.46
N GLY D 33 -20.95 23.54 11.93
CA GLY D 33 -20.93 24.00 10.55
C GLY D 33 -22.20 24.72 10.14
N GLU D 34 -22.60 24.56 8.88
CA GLU D 34 -23.79 25.23 8.39
C GLU D 34 -24.39 24.58 7.17
N GLY D 35 -25.70 24.72 7.03
CA GLY D 35 -26.41 24.12 5.92
C GLY D 35 -27.22 25.10 5.07
N ASP D 36 -27.32 24.81 3.77
CA ASP D 36 -28.08 25.62 2.86
C ASP D 36 -29.03 24.78 2.02
N ALA D 37 -30.26 24.63 2.52
CA ALA D 37 -31.25 23.78 1.88
C ALA D 37 -31.65 24.31 0.52
N THR D 38 -31.50 25.61 0.33
CA THR D 38 -31.87 26.23 -0.95
C THR D 38 -30.95 25.69 -2.03
N ILE D 39 -29.70 25.38 -1.68
CA ILE D 39 -28.80 24.82 -2.70
C ILE D 39 -28.41 23.37 -2.45
N GLY D 40 -28.88 22.80 -1.35
CA GLY D 40 -28.57 21.43 -0.97
C GLY D 40 -27.13 21.18 -0.52
N LYS D 41 -26.52 22.12 0.19
CA LYS D 41 -25.14 21.94 0.61
C LYS D 41 -25.01 21.99 2.10
N LEU D 42 -24.17 21.12 2.66
CA LEU D 42 -23.70 21.37 4.02
C LEU D 42 -22.21 21.17 4.18
N THR D 43 -21.67 21.85 5.20
CA THR D 43 -20.24 21.91 5.44
C THR D 43 -20.00 21.84 6.94
N LEU D 44 -19.27 20.82 7.36
CA LEU D 44 -19.06 20.61 8.77
C LEU D 44 -17.63 20.23 9.11
N LYS D 45 -17.22 20.55 10.33
CA LYS D 45 -15.93 20.11 10.84
C LYS D 45 -16.15 19.32 12.12
N PHE D 46 -15.67 18.08 12.13
CA PHE D 46 -15.85 17.17 13.23
C PHE D 46 -14.54 16.88 13.92
N ILE D 47 -14.58 17.02 15.25
CA ILE D 47 -13.47 16.74 16.11
C ILE D 47 -13.78 15.46 16.90
N CYS D 48 -12.76 14.66 17.15
CA CYS D 48 -12.85 13.64 18.15
C CYS D 48 -12.44 14.12 19.56
N THR D 49 -13.41 14.23 20.47
CA THR D 49 -13.20 14.91 21.76
C THR D 49 -12.45 14.06 22.78
N THR D 50 -12.37 12.74 22.53
CA THR D 50 -11.78 11.79 23.47
C THR D 50 -10.37 11.34 23.09
N GLY D 51 -9.84 11.89 21.99
CA GLY D 51 -8.48 11.56 21.52
C GLY D 51 -8.47 11.01 20.11
N LYS D 52 -7.86 9.84 19.96
CA LYS D 52 -7.85 9.15 18.68
C LYS D 52 -9.20 8.45 18.47
N LEU D 53 -9.88 8.76 17.36
CA LEU D 53 -11.04 7.99 16.96
C LEU D 53 -10.67 6.49 16.71
N PRO D 54 -11.37 5.56 17.41
CA PRO D 54 -11.08 4.14 17.33
C PRO D 54 -11.58 3.46 16.05
N VAL D 55 -12.51 4.08 15.34
CA VAL D 55 -13.03 3.55 14.08
C VAL D 55 -12.67 4.56 12.99
N PRO D 56 -12.76 4.17 11.69
CA PRO D 56 -12.40 5.17 10.65
C PRO D 56 -13.51 6.21 10.46
N TRP D 57 -13.13 7.48 10.25
CA TRP D 57 -14.08 8.54 10.01
C TRP D 57 -15.11 8.16 8.93
N PRO D 58 -14.65 7.55 7.81
CA PRO D 58 -15.67 7.24 6.80
C PRO D 58 -16.83 6.44 7.36
N THR D 59 -16.68 5.70 8.45
CA THR D 59 -17.81 4.87 8.91
C THR D 59 -18.87 5.65 9.67
N LEU D 60 -18.53 6.85 10.09
CA LEU D 60 -19.45 7.65 10.87
C LEU D 60 -20.19 8.69 10.00
N VAL D 61 -19.83 8.73 8.72
CA VAL D 61 -20.32 9.81 7.85
C VAL D 61 -21.86 9.87 7.83
N THR D 62 -22.50 8.74 7.56
CA THR D 62 -23.93 8.77 7.35
C THR D 62 -24.66 8.99 8.65
N THR D 63 -24.00 8.69 9.77
CA THR D 63 -24.60 8.97 11.07
C THR D 63 -24.43 10.44 11.43
N LEU D 64 -23.24 10.98 11.21
CA LEU D 64 -22.97 12.38 11.44
C LEU D 64 -23.72 13.30 10.49
N LEU D 66 -28.12 14.78 8.32
CA LEU D 66 -28.90 16.03 8.45
C LEU D 66 -29.78 16.21 7.22
N GLN D 67 -30.77 15.34 7.07
CA GLN D 67 -31.44 15.22 5.77
C GLN D 67 -32.39 16.36 5.49
N CYS D 68 -32.67 17.16 6.51
CA CYS D 68 -33.50 18.32 6.35
C CYS D 68 -32.85 19.38 5.46
N PHE D 69 -31.54 19.28 5.27
CA PHE D 69 -30.85 20.18 4.34
C PHE D 69 -30.81 19.73 2.87
N ALA D 70 -31.60 18.72 2.51
CA ALA D 70 -31.68 18.30 1.11
C ALA D 70 -32.39 19.40 0.32
N ARG D 71 -31.97 19.61 -0.93
CA ARG D 71 -32.73 20.48 -1.80
C ARG D 71 -33.90 19.69 -2.37
N TYR D 72 -35.12 20.02 -1.94
CA TYR D 72 -36.31 19.46 -2.57
C TYR D 72 -36.72 20.39 -3.72
N PRO D 73 -36.78 19.87 -4.96
CA PRO D 73 -37.26 20.72 -6.06
C PRO D 73 -38.71 21.17 -5.93
N ASP D 74 -39.06 22.21 -6.68
CA ASP D 74 -40.38 22.83 -6.54
C ASP D 74 -41.57 21.91 -6.69
N HIS D 75 -41.53 21.02 -7.68
CA HIS D 75 -42.66 20.16 -7.94
C HIS D 75 -42.68 19.03 -6.93
N MET D 76 -41.75 19.09 -5.98
CA MET D 76 -41.63 18.05 -4.96
C MET D 76 -41.72 18.54 -3.53
N LYS D 77 -41.88 19.85 -3.33
CA LYS D 77 -41.93 20.42 -1.99
C LYS D 77 -42.89 19.68 -1.05
N GLN D 78 -44.00 19.21 -1.62
CA GLN D 78 -45.06 18.46 -0.95
C GLN D 78 -44.56 17.19 -0.25
N HIS D 79 -43.35 16.74 -0.62
CA HIS D 79 -42.78 15.46 -0.17
C HIS D 79 -41.65 15.54 0.84
N ASP D 80 -41.39 16.74 1.35
CA ASP D 80 -40.28 16.96 2.26
C ASP D 80 -40.78 16.80 3.71
N PHE D 81 -40.74 15.56 4.19
CA PHE D 81 -41.12 15.22 5.55
C PHE D 81 -40.17 15.92 6.52
N PHE D 82 -38.88 15.87 6.19
CA PHE D 82 -37.84 16.37 7.10
C PHE D 82 -38.14 17.79 7.52
N LYS D 83 -38.20 18.72 6.56
CA LYS D 83 -38.52 20.11 6.89
C LYS D 83 -39.87 20.29 7.57
N SER D 84 -40.86 19.44 7.27
CA SER D 84 -42.17 19.64 7.88
C SER D 84 -42.21 19.10 9.30
N ALA D 85 -41.05 19.03 9.95
CA ALA D 85 -40.93 18.24 11.16
C ALA D 85 -40.82 18.92 12.49
N MET D 86 -40.67 20.25 12.60
CA MET D 86 -39.51 21.11 12.43
C MET D 86 -40.26 22.37 12.88
N PRO D 87 -39.98 22.86 14.11
CA PRO D 87 -38.70 22.68 14.76
C PRO D 87 -38.50 22.02 16.14
N GLU D 88 -39.47 21.52 16.90
CA GLU D 88 -40.33 20.37 16.62
C GLU D 88 -39.37 19.19 16.41
N GLY D 89 -38.86 18.97 15.22
CA GLY D 89 -37.78 17.99 15.06
C GLY D 89 -38.22 16.56 14.93
N TYR D 90 -37.26 15.67 14.72
CA TYR D 90 -37.54 14.24 14.57
C TYR D 90 -36.46 13.34 15.16
N VAL D 91 -36.81 12.05 15.27
CA VAL D 91 -35.90 11.00 15.70
C VAL D 91 -35.47 10.16 14.48
N GLN D 92 -34.15 10.08 14.25
CA GLN D 92 -33.58 9.26 13.16
C GLN D 92 -32.91 8.05 13.78
N GLU D 93 -33.36 6.85 13.39
CA GLU D 93 -32.82 5.59 13.91
C GLU D 93 -32.30 4.76 12.77
N ARG D 94 -31.14 4.13 13.00
CA ARG D 94 -30.60 3.24 12.00
C ARG D 94 -30.02 1.95 12.55
N THR D 95 -30.03 0.92 11.74
CA THR D 95 -29.06 -0.14 11.88
C THR D 95 -28.21 -0.10 10.64
N ILE D 96 -26.88 -0.15 10.81
CA ILE D 96 -25.99 -0.31 9.66
C ILE D 96 -25.24 -1.64 9.81
N SER D 97 -25.48 -2.61 8.89
CA SER D 97 -24.69 -3.87 8.88
C SER D 97 -23.59 -3.86 7.83
N PHE D 98 -22.36 -3.95 8.31
CA PHE D 98 -21.20 -4.09 7.44
C PHE D 98 -21.05 -5.55 7.02
N LYS D 99 -21.18 -5.82 5.72
CA LYS D 99 -21.11 -7.20 5.19
C LYS D 99 -19.82 -7.88 5.70
N ASP D 100 -19.97 -9.09 6.24
CA ASP D 100 -18.90 -9.91 6.87
C ASP D 100 -18.22 -9.28 8.06
N ASP D 101 -18.90 -8.37 8.75
CA ASP D 101 -18.34 -7.66 9.93
C ASP D 101 -19.47 -7.22 10.86
N GLY D 102 -19.20 -6.32 11.81
CA GLY D 102 -20.19 -5.95 12.86
C GLY D 102 -21.39 -5.07 12.46
N LYS D 103 -22.14 -4.57 13.45
CA LYS D 103 -23.22 -3.56 13.15
C LYS D 103 -23.18 -2.30 14.01
N TYR D 104 -23.63 -1.17 13.45
CA TYR D 104 -23.88 0.03 14.24
C TYR D 104 -25.39 0.12 14.46
N LYS D 105 -25.81 0.54 15.65
CA LYS D 105 -27.17 0.94 15.87
C LYS D 105 -27.15 2.41 16.32
N THR D 106 -27.95 3.26 15.68
CA THR D 106 -27.87 4.66 16.03
C THR D 106 -29.22 5.30 16.39
N ARG D 107 -29.21 6.17 17.39
CA ARG D 107 -30.37 7.00 17.68
C ARG D 107 -29.98 8.48 17.70
N ALA D 108 -30.65 9.25 16.86
CA ALA D 108 -30.39 10.68 16.76
C ALA D 108 -31.70 11.47 16.92
N VAL D 109 -31.61 12.58 17.63
CA VAL D 109 -32.67 13.54 17.73
C VAL D 109 -32.18 14.80 17.00
N VAL D 110 -32.93 15.19 15.97
CA VAL D 110 -32.62 16.36 15.15
C VAL D 110 -33.70 17.45 15.38
N LYS D 111 -33.33 18.57 16.02
CA LYS D 111 -34.29 19.68 16.30
C LYS D 111 -33.60 21.06 16.26
N PHE D 112 -34.37 22.14 16.31
CA PHE D 112 -33.80 23.48 16.47
C PHE D 112 -33.69 23.81 17.95
N GLU D 113 -32.59 24.43 18.33
CA GLU D 113 -32.51 25.06 19.63
C GLU D 113 -32.29 26.54 19.38
N GLY D 114 -33.39 27.29 19.55
CA GLY D 114 -33.52 28.63 19.02
C GLY D 114 -32.90 28.69 17.64
N ASP D 115 -31.66 29.18 17.60
CA ASP D 115 -30.97 29.51 16.38
C ASP D 115 -30.45 28.32 15.56
N THR D 116 -29.89 27.35 16.28
CA THR D 116 -29.13 26.28 15.65
C THR D 116 -29.95 25.02 15.40
N LEU D 117 -29.67 24.36 14.28
CA LEU D 117 -30.12 22.99 14.12
C LEU D 117 -29.11 22.01 14.73
N VAL D 118 -29.62 21.19 15.66
CA VAL D 118 -28.80 20.31 16.49
C VAL D 118 -29.08 18.84 16.18
N ASN D 119 -28.01 18.08 15.92
CA ASN D 119 -28.09 16.64 15.71
C ASN D 119 -27.34 15.98 16.84
N ARG D 120 -28.08 15.35 17.75
CA ARG D 120 -27.50 14.61 18.90
C ARG D 120 -27.61 13.09 18.73
N ILE D 121 -26.49 12.37 18.82
CA ILE D 121 -26.48 10.96 18.48
C ILE D 121 -25.87 10.05 19.53
N GLU D 122 -26.57 8.94 19.80
CA GLU D 122 -25.97 7.79 20.51
C GLU D 122 -25.76 6.66 19.48
N LEU D 123 -24.61 6.00 19.57
CA LEU D 123 -24.24 4.91 18.64
C LEU D 123 -23.55 3.74 19.34
N LYS D 124 -24.01 2.53 19.01
CA LYS D 124 -23.47 1.27 19.52
C LYS D 124 -23.06 0.28 18.42
N GLY D 125 -21.78 -0.07 18.38
CA GLY D 125 -21.28 -1.11 17.48
C GLY D 125 -20.95 -2.41 18.21
N THR D 126 -21.40 -3.53 17.61
CA THR D 126 -21.18 -4.86 18.17
C THR D 126 -20.65 -5.79 17.08
N ASP D 127 -19.99 -6.85 17.51
CA ASP D 127 -19.50 -7.94 16.67
C ASP D 127 -18.51 -7.60 15.56
N PHE D 128 -17.64 -6.62 15.77
CA PHE D 128 -16.64 -6.32 14.76
C PHE D 128 -15.40 -7.22 14.83
N LYS D 129 -14.92 -7.67 13.67
CA LYS D 129 -13.66 -8.40 13.61
C LYS D 129 -12.49 -7.48 13.93
N GLU D 130 -11.57 -7.93 14.80
CA GLU D 130 -10.37 -7.13 15.18
C GLU D 130 -9.51 -6.72 13.97
N ASP D 131 -9.41 -7.61 12.98
CA ASP D 131 -8.61 -7.40 11.79
CA ASP D 131 -8.60 -7.29 11.80
C ASP D 131 -9.50 -7.09 10.58
N GLY D 132 -10.78 -6.83 10.82
CA GLY D 132 -11.70 -6.45 9.73
C GLY D 132 -11.35 -5.06 9.20
N ASN D 133 -12.13 -4.59 8.22
CA ASN D 133 -11.84 -3.33 7.54
C ASN D 133 -12.09 -2.14 8.43
N ILE D 134 -12.98 -2.31 9.40
CA ILE D 134 -13.27 -1.24 10.34
C ILE D 134 -12.17 -1.10 11.41
N LEU D 135 -12.06 -2.13 12.27
CA LEU D 135 -11.08 -2.09 13.35
C LEU D 135 -9.66 -2.19 12.85
N GLY D 136 -9.51 -2.71 11.64
CA GLY D 136 -8.20 -2.75 11.01
C GLY D 136 -7.83 -1.41 10.41
N HIS D 137 -8.78 -0.48 10.35
CA HIS D 137 -8.51 0.83 9.79
C HIS D 137 -7.94 0.69 8.38
N LYS D 138 -8.71 0.03 7.50
CA LYS D 138 -8.29 -0.30 6.13
C LYS D 138 -9.12 0.45 5.07
N LEU D 139 -9.93 1.39 5.52
CA LEU D 139 -10.82 2.15 4.65
C LEU D 139 -10.21 3.45 4.20
N GLU D 140 -10.36 3.75 2.91
CA GLU D 140 -9.90 5.01 2.34
C GLU D 140 -10.64 6.27 2.78
N TYR D 141 -9.88 7.37 2.82
CA TYR D 141 -10.45 8.64 3.23
C TYR D 141 -11.21 9.30 2.06
N ASN D 142 -12.42 8.85 1.82
CA ASN D 142 -13.17 9.31 0.64
C ASN D 142 -14.53 8.71 0.71
N PHE D 143 -15.44 9.19 -0.14
CA PHE D 143 -16.80 8.65 -0.13
C PHE D 143 -17.25 8.41 -1.57
N ASN D 144 -18.21 7.50 -1.74
CA ASN D 144 -18.84 7.26 -3.01
C ASN D 144 -20.25 7.83 -2.97
N SER D 145 -20.91 7.82 -4.11
CA SER D 145 -22.20 8.44 -4.27
C SER D 145 -23.32 7.41 -4.12
N HIS D 146 -24.35 7.78 -3.36
CA HIS D 146 -25.46 6.87 -3.09
C HIS D 146 -26.83 7.57 -3.21
N ASN D 147 -27.86 6.75 -3.42
CA ASN D 147 -29.21 7.23 -3.40
C ASN D 147 -29.95 6.70 -2.20
N VAL D 148 -30.53 7.62 -1.44
CA VAL D 148 -31.31 7.27 -0.24
C VAL D 148 -32.80 7.14 -0.60
N TYR D 149 -33.28 5.88 -0.69
CA TYR D 149 -34.67 5.58 -1.07
C TYR D 149 -35.63 5.74 0.07
N ILE D 150 -36.47 6.76 -0.04
CA ILE D 150 -37.40 7.10 1.01
C ILE D 150 -38.79 6.61 0.68
N THR D 151 -39.44 6.06 1.70
CA THR D 151 -40.78 5.56 1.58
C THR D 151 -41.59 6.00 2.81
N ALA D 152 -42.88 6.29 2.63
CA ALA D 152 -43.71 6.67 3.78
C ALA D 152 -43.91 5.47 4.71
N THR D 153 -43.89 5.75 6.02
CA THR D 153 -44.36 4.84 7.06
C THR D 153 -45.63 5.45 7.67
N ARG D 154 -46.80 5.10 7.12
CA ARG D 154 -48.08 5.74 7.52
C ARG D 154 -48.48 5.53 8.99
N GLY D 155 -49.17 6.54 9.54
CA GLY D 155 -49.60 6.58 10.94
C GLY D 155 -50.43 5.38 11.37
N THR D 156 -49.88 4.67 12.36
CA THR D 156 -50.45 3.44 12.94
C THR D 156 -51.40 3.71 14.12
N LYS D 180 -48.34 8.08 14.92
CA LYS D 180 -47.38 9.03 14.33
C LYS D 180 -46.79 8.65 12.94
N ASN D 181 -47.26 9.35 11.90
CA ASN D 181 -46.70 9.23 10.52
C ASN D 181 -45.22 9.59 10.46
N GLY D 182 -44.41 8.64 10.00
CA GLY D 182 -43.00 8.91 9.73
C GLY D 182 -42.61 8.38 8.38
N ILE D 183 -41.32 8.23 8.16
CA ILE D 183 -40.82 7.68 6.92
C ILE D 183 -39.78 6.62 7.19
N LYS D 184 -39.59 5.73 6.22
CA LYS D 184 -38.56 4.70 6.28
C LYS D 184 -37.59 4.96 5.14
N ALA D 185 -36.29 4.70 5.35
CA ALA D 185 -35.31 4.74 4.27
C ALA D 185 -34.42 3.49 4.21
N ASN D 186 -33.99 3.11 2.99
CA ASN D 186 -33.14 1.92 2.75
CA ASN D 186 -33.12 1.95 2.78
C ASN D 186 -32.09 2.25 1.71
N PHE D 187 -30.86 1.74 1.88
CA PHE D 187 -29.75 1.95 0.92
C PHE D 187 -28.44 1.24 1.33
N THR D 188 -27.51 1.11 0.38
CA THR D 188 -26.25 0.46 0.66
C THR D 188 -25.08 1.39 0.42
N VAL D 189 -24.30 1.66 1.45
CA VAL D 189 -23.07 2.43 1.22
C VAL D 189 -21.96 1.49 0.71
N ARG D 190 -21.14 1.97 -0.22
CA ARG D 190 -19.90 1.26 -0.55
C ARG D 190 -18.71 2.06 -0.09
N HIS D 191 -18.00 1.57 0.93
CA HIS D 191 -16.78 2.19 1.36
C HIS D 191 -15.63 1.54 0.61
N ASN D 192 -14.83 2.31 -0.11
CA ASN D 192 -13.56 1.82 -0.70
C ASN D 192 -12.58 1.37 0.35
N VAL D 193 -12.04 0.18 0.13
CA VAL D 193 -10.99 -0.40 0.94
C VAL D 193 -9.68 -0.13 0.20
N GLU D 194 -8.57 -0.03 0.93
CA GLU D 194 -7.30 0.37 0.32
C GLU D 194 -6.69 -0.68 -0.61
N ASP D 195 -7.26 -1.87 -0.65
CA ASP D 195 -6.66 -2.92 -1.47
C ASP D 195 -7.44 -3.06 -2.76
N GLY D 196 -8.22 -2.02 -3.08
CA GLY D 196 -8.98 -1.99 -4.30
C GLY D 196 -10.34 -2.64 -4.20
N SER D 197 -10.71 -3.15 -3.02
CA SER D 197 -12.03 -3.80 -2.91
C SER D 197 -13.06 -2.86 -2.28
N VAL D 198 -14.28 -3.33 -2.08
CA VAL D 198 -15.34 -2.49 -1.53
C VAL D 198 -15.99 -3.11 -0.27
N GLN D 199 -16.22 -2.31 0.77
CA GLN D 199 -16.85 -2.81 1.98
C GLN D 199 -18.29 -2.32 2.02
N LEU D 200 -19.25 -3.23 1.93
CA LEU D 200 -20.69 -2.86 1.91
C LEU D 200 -21.29 -2.54 3.29
N ALA D 201 -22.19 -1.55 3.34
CA ALA D 201 -22.83 -1.20 4.60
C ALA D 201 -24.33 -1.03 4.39
N ASP D 202 -25.11 -2.06 4.73
CA ASP D 202 -26.55 -1.92 4.56
C ASP D 202 -27.15 -1.00 5.61
N HIS D 203 -27.86 0.02 5.13
CA HIS D 203 -28.52 0.99 5.98
C HIS D 203 -30.03 0.76 6.06
N TYR D 204 -30.56 0.62 7.26
CA TYR D 204 -32.01 0.58 7.48
C TYR D 204 -32.39 1.74 8.39
N GLN D 205 -33.33 2.55 7.96
CA GLN D 205 -33.59 3.86 8.58
C GLN D 205 -35.07 4.12 8.89
N GLN D 206 -35.34 4.68 10.05
CA GLN D 206 -36.67 5.15 10.41
C GLN D 206 -36.59 6.59 10.94
N ASN D 207 -37.49 7.44 10.49
CA ASN D 207 -37.57 8.79 10.99
C ASN D 207 -38.96 9.04 11.51
N THR D 208 -39.10 9.53 12.75
CA THR D 208 -40.43 9.82 13.28
C THR D 208 -40.51 11.19 13.99
N PRO D 209 -41.56 11.98 13.71
CA PRO D 209 -41.63 13.35 14.22
C PRO D 209 -41.81 13.38 15.73
N ILE D 210 -41.31 14.44 16.33
CA ILE D 210 -41.27 14.57 17.79
C ILE D 210 -42.57 15.16 18.34
N GLY D 211 -43.07 16.21 17.69
CA GLY D 211 -44.35 16.83 18.05
C GLY D 211 -45.54 16.25 17.31
N ASP D 212 -46.73 16.75 17.63
CA ASP D 212 -47.99 16.22 17.09
C ASP D 212 -48.53 16.93 15.85
N GLY D 213 -47.86 17.99 15.40
CA GLY D 213 -48.33 18.81 14.28
C GLY D 213 -48.37 18.01 13.00
N PRO D 214 -49.29 18.36 12.08
CA PRO D 214 -49.25 17.70 10.77
C PRO D 214 -47.83 17.64 10.20
N VAL D 215 -47.51 16.55 9.52
CA VAL D 215 -46.23 16.44 8.80
C VAL D 215 -46.54 15.90 7.43
N LEU D 216 -45.66 16.09 6.46
CA LEU D 216 -45.90 15.56 5.11
C LEU D 216 -45.64 14.07 5.03
N LEU D 217 -46.54 13.33 4.41
CA LEU D 217 -46.29 11.92 4.12
C LEU D 217 -45.96 11.74 2.64
N PRO D 218 -44.70 11.42 2.33
CA PRO D 218 -44.21 11.51 0.95
C PRO D 218 -44.53 10.29 0.10
N ASP D 219 -44.65 10.51 -1.19
CA ASP D 219 -44.55 9.39 -2.13
C ASP D 219 -43.10 8.96 -2.21
N ASN D 220 -42.88 7.83 -2.86
CA ASN D 220 -41.54 7.29 -3.05
C ASN D 220 -40.68 8.19 -3.90
N HIS D 221 -39.50 8.48 -3.40
CA HIS D 221 -38.53 9.24 -4.15
C HIS D 221 -37.20 8.93 -3.51
N TYR D 222 -36.16 9.63 -3.88
CA TYR D 222 -34.90 9.38 -3.22
C TYR D 222 -34.10 10.68 -3.06
N LEU D 223 -32.98 10.61 -2.36
CA LEU D 223 -32.06 11.73 -2.20
C LEU D 223 -30.77 11.34 -2.86
N SER D 224 -30.27 12.21 -3.72
CA SER D 224 -29.01 11.99 -4.35
C SER D 224 -27.93 12.66 -3.52
N TYR D 225 -27.05 11.82 -2.97
CA TYR D 225 -25.91 12.23 -2.18
C TYR D 225 -24.59 12.21 -2.96
N GLN D 226 -23.81 13.27 -2.77
CA GLN D 226 -22.41 13.28 -3.16
C GLN D 226 -21.63 14.02 -2.08
N THR D 227 -20.46 13.45 -1.74
CA THR D 227 -19.80 13.76 -0.46
C THR D 227 -18.31 13.84 -0.57
N VAL D 228 -17.71 14.88 0.01
CA VAL D 228 -16.26 15.04 0.05
C VAL D 228 -15.67 15.06 1.48
N LEU D 229 -14.53 14.37 1.65
CA LEU D 229 -13.86 14.32 2.94
C LEU D 229 -12.48 14.95 2.83
N SER D 230 -12.18 15.89 3.72
CA SER D 230 -10.85 16.44 3.80
C SER D 230 -10.43 16.85 5.19
N LYS D 231 -9.30 17.56 5.21
CA LYS D 231 -8.64 17.96 6.43
C LYS D 231 -8.44 19.46 6.46
N ASP D 232 -8.53 20.04 7.65
CA ASP D 232 -8.18 21.44 7.84
C ASP D 232 -6.65 21.53 8.00
N PRO D 233 -5.94 22.14 7.02
CA PRO D 233 -4.47 22.23 7.06
C PRO D 233 -3.86 22.69 8.40
N ASN D 234 -4.60 23.49 9.18
CA ASN D 234 -4.11 23.99 10.47
C ASN D 234 -4.60 23.26 11.71
N GLU D 235 -5.20 22.09 11.53
CA GLU D 235 -5.79 21.37 12.64
C GLU D 235 -4.96 20.13 12.97
N LYS D 236 -4.28 20.16 14.10
CA LYS D 236 -3.49 19.02 14.51
C LYS D 236 -4.36 17.91 15.16
N ARG D 237 -5.60 18.25 15.55
CA ARG D 237 -6.49 17.27 16.21
C ARG D 237 -7.04 16.26 15.22
N ASP D 238 -7.37 15.06 15.70
CA ASP D 238 -7.95 14.02 14.84
C ASP D 238 -9.34 14.52 14.43
N HIS D 239 -9.52 14.76 13.13
CA HIS D 239 -10.73 15.41 12.66
C HIS D 239 -11.12 15.04 11.25
N MET D 240 -12.35 15.39 10.90
CA MET D 240 -12.94 15.29 9.55
C MET D 240 -13.66 16.60 9.15
N VAL D 241 -13.27 17.15 8.00
CA VAL D 241 -14.05 18.18 7.33
C VAL D 241 -14.98 17.47 6.34
N LEU D 242 -16.28 17.72 6.43
CA LEU D 242 -17.24 17.02 5.60
C LEU D 242 -18.03 18.00 4.76
N LEU D 243 -18.23 17.63 3.49
CA LEU D 243 -18.92 18.45 2.55
C LEU D 243 -19.96 17.56 1.85
N GLU D 244 -21.24 17.91 2.00
CA GLU D 244 -22.31 17.07 1.43
C GLU D 244 -23.16 17.84 0.43
N PHE D 245 -23.47 17.23 -0.71
CA PHE D 245 -24.39 17.83 -1.70
C PHE D 245 -25.57 16.91 -1.97
N VAL D 246 -26.78 17.40 -1.64
CA VAL D 246 -27.96 16.56 -1.58
C VAL D 246 -29.16 17.17 -2.34
N THR D 247 -29.69 16.43 -3.31
CA THR D 247 -30.85 16.84 -4.10
C THR D 247 -31.85 15.70 -4.12
N ALA D 248 -33.12 16.02 -3.90
CA ALA D 248 -34.20 15.02 -3.98
C ALA D 248 -34.55 14.76 -5.44
N ALA D 249 -34.96 13.53 -5.77
CA ALA D 249 -35.31 13.15 -7.14
C ALA D 249 -36.25 11.95 -7.14
N GLY D 250 -36.73 11.59 -8.33
CA GLY D 250 -37.45 10.35 -8.51
C GLY D 250 -38.94 10.54 -8.64
N ILE D 251 -39.36 11.79 -8.85
CA ILE D 251 -40.74 12.10 -9.25
C ILE D 251 -40.66 13.08 -10.43
N THR D 252 -40.96 12.64 -11.65
CA THR D 252 -40.95 13.55 -12.81
C THR D 252 -42.15 14.50 -12.79
N LEU D 253 -41.93 15.78 -13.13
CA LEU D 253 -43.02 16.73 -13.50
C LEU D 253 -42.57 17.98 -14.26
N LYS E 3 18.99 13.86 59.10
CA LYS E 3 19.99 14.66 59.87
C LYS E 3 20.57 15.80 59.01
N GLY E 4 20.32 15.73 57.70
CA GLY E 4 20.70 16.79 56.76
C GLY E 4 19.46 17.42 56.16
N GLU E 5 18.35 17.27 56.88
CA GLU E 5 17.09 17.96 56.62
C GLU E 5 17.27 19.47 56.74
N GLU E 6 18.17 19.89 57.64
CA GLU E 6 18.45 21.31 57.90
C GLU E 6 19.46 21.89 56.90
N LEU E 7 19.71 21.17 55.81
CA LEU E 7 20.45 21.68 54.66
C LEU E 7 19.48 22.26 53.62
N PHE E 8 18.18 22.26 53.97
CA PHE E 8 17.10 22.53 53.02
C PHE E 8 16.00 23.48 53.55
N THR E 9 16.29 24.20 54.62
CA THR E 9 15.27 25.11 55.20
C THR E 9 15.33 26.53 54.60
N GLY E 10 16.36 26.80 53.82
CA GLY E 10 16.45 28.01 53.00
C GLY E 10 16.44 27.68 51.51
N VAL E 11 16.58 28.72 50.69
CA VAL E 11 16.69 28.58 49.23
C VAL E 11 18.07 28.03 48.82
N VAL E 12 18.07 27.05 47.91
CA VAL E 12 19.32 26.41 47.45
C VAL E 12 19.54 26.61 45.94
N PRO E 13 20.75 27.05 45.54
CA PRO E 13 21.18 27.11 44.13
C PRO E 13 21.29 25.72 43.51
N ILE E 14 20.93 25.60 42.22
CA ILE E 14 20.97 24.30 41.55
C ILE E 14 21.62 24.36 40.16
N LEU E 15 22.50 23.40 39.90
CA LEU E 15 23.15 23.24 38.60
C LEU E 15 22.99 21.82 38.07
N VAL E 16 22.59 21.71 36.80
CA VAL E 16 22.33 20.43 36.12
C VAL E 16 23.13 20.35 34.81
N GLU E 17 23.68 19.18 34.52
CA GLU E 17 24.30 18.90 33.22
C GLU E 17 24.01 17.46 32.81
N LEU E 18 23.64 17.27 31.53
CA LEU E 18 23.34 15.94 30.98
C LEU E 18 24.09 15.68 29.67
N ASP E 19 24.44 14.42 29.44
CA ASP E 19 24.97 13.99 28.17
C ASP E 19 23.97 12.99 27.56
N GLY E 20 23.68 13.17 26.28
CA GLY E 20 22.74 12.32 25.55
C GLY E 20 23.41 11.32 24.64
N ASP E 21 22.60 10.55 23.91
CA ASP E 21 23.07 9.43 23.08
C ASP E 21 21.87 8.61 22.59
N VAL E 22 20.80 9.30 22.18
CA VAL E 22 19.60 8.62 21.69
C VAL E 22 19.76 8.31 20.20
N ASN E 23 19.93 7.03 19.89
CA ASN E 23 20.20 6.51 18.53
C ASN E 23 21.48 7.11 17.91
N GLY E 24 22.42 7.54 18.77
CA GLY E 24 23.68 8.09 18.31
C GLY E 24 23.76 9.61 18.32
N HIS E 25 22.62 10.27 18.53
CA HIS E 25 22.55 11.74 18.58
C HIS E 25 22.99 12.28 19.95
N LYS E 26 24.29 12.61 20.07
CA LYS E 26 24.86 13.07 21.35
C LYS E 26 24.42 14.49 21.76
N PHE E 27 23.51 14.57 22.73
CA PHE E 27 22.96 15.83 23.22
C PHE E 27 23.76 16.35 24.43
N SER E 28 23.59 17.64 24.73
CA SER E 28 24.12 18.21 25.98
C SER E 28 23.30 19.39 26.51
N VAL E 29 22.82 19.25 27.74
CA VAL E 29 22.00 20.27 28.40
C VAL E 29 22.74 20.86 29.61
N ARG E 30 22.59 22.17 29.82
CA ARG E 30 23.07 22.80 31.05
C ARG E 30 21.87 23.41 31.76
N GLY E 31 21.85 23.32 33.09
CA GLY E 31 20.74 23.85 33.89
C GLY E 31 21.13 24.61 35.15
N GLU E 32 20.32 25.61 35.50
CA GLU E 32 20.53 26.42 36.70
C GLU E 32 19.20 26.97 37.24
N GLY E 33 19.05 26.98 38.58
CA GLY E 33 17.84 27.47 39.19
C GLY E 33 17.80 27.42 40.71
N GLU E 34 16.63 27.79 41.25
CA GLU E 34 16.40 27.92 42.70
C GLU E 34 15.46 26.84 43.23
N GLY E 35 15.84 26.21 44.34
CA GLY E 35 15.00 25.24 45.04
C GLY E 35 14.61 25.71 46.43
N ASP E 36 13.38 25.42 46.84
CA ASP E 36 12.85 25.87 48.12
C ASP E 36 11.95 24.80 48.73
N ALA E 37 12.53 23.89 49.49
CA ALA E 37 11.79 22.74 50.00
C ALA E 37 10.80 23.02 51.14
N THR E 38 10.79 24.24 51.67
CA THR E 38 9.87 24.59 52.76
C THR E 38 8.50 24.86 52.17
N ILE E 39 8.52 25.34 50.93
CA ILE E 39 7.34 25.55 50.11
C ILE E 39 7.26 24.44 49.03
N GLY E 40 8.34 23.67 48.91
CA GLY E 40 8.43 22.58 47.92
C GLY E 40 8.36 23.03 46.48
N LYS E 41 9.25 23.97 46.12
CA LYS E 41 9.24 24.56 44.78
C LYS E 41 10.62 24.65 44.10
N LEU E 42 10.85 23.74 43.16
CA LEU E 42 11.98 23.82 42.24
C LEU E 42 11.64 24.81 41.12
N THR E 43 12.62 25.64 40.75
CA THR E 43 12.48 26.56 39.62
C THR E 43 13.81 26.75 38.85
N LEU E 44 13.88 26.15 37.66
CA LEU E 44 15.14 26.00 36.89
C LEU E 44 15.04 26.41 35.40
N LYS E 45 16.18 26.74 34.80
CA LYS E 45 16.26 27.11 33.38
C LYS E 45 17.28 26.24 32.66
N PHE E 46 16.88 25.72 31.50
CA PHE E 46 17.70 24.74 30.75
C PHE E 46 17.97 25.20 29.32
N ILE E 47 19.22 25.09 28.88
CA ILE E 47 19.60 25.42 27.51
C ILE E 47 20.19 24.20 26.81
N CYS E 48 19.74 23.94 25.58
CA CYS E 48 20.37 22.91 24.76
C CYS E 48 21.73 23.41 24.27
N THR E 49 22.81 22.98 24.91
CA THR E 49 24.14 23.58 24.66
C THR E 49 24.94 22.99 23.46
N THR E 50 24.28 22.16 22.66
CA THR E 50 24.85 21.68 21.39
C THR E 50 24.03 22.08 20.15
N GLY E 51 23.05 22.97 20.34
CA GLY E 51 22.25 23.51 19.23
C GLY E 51 20.77 23.24 19.36
N LYS E 52 20.24 22.46 18.43
CA LYS E 52 18.85 21.99 18.47
C LYS E 52 18.79 20.54 18.94
N LEU E 53 18.07 20.34 20.04
CA LEU E 53 17.93 19.05 20.72
C LEU E 53 17.17 18.07 19.83
N PRO E 54 17.67 16.81 19.75
CA PRO E 54 17.08 15.84 18.81
C PRO E 54 15.76 15.22 19.30
N VAL E 55 15.47 15.34 20.60
CA VAL E 55 14.23 14.79 21.18
C VAL E 55 13.45 15.87 21.95
N PRO E 56 12.09 15.79 21.95
CA PRO E 56 11.24 16.81 22.57
C PRO E 56 11.57 17.07 24.04
N TRP E 57 11.73 18.36 24.38
CA TRP E 57 12.01 18.78 25.75
C TRP E 57 11.20 17.99 26.83
N PRO E 58 9.86 17.88 26.69
CA PRO E 58 9.11 17.20 27.76
C PRO E 58 9.61 15.81 28.13
N THR E 59 10.16 15.07 27.16
CA THR E 59 10.66 13.71 27.46
C THR E 59 11.73 13.76 28.54
N LEU E 60 12.26 14.95 28.79
CA LEU E 60 13.42 15.09 29.64
C LEU E 60 13.13 15.71 31.00
N VAL E 61 11.89 16.17 31.18
CA VAL E 61 11.50 16.83 32.42
C VAL E 61 11.85 16.02 33.65
N THR E 62 11.34 14.81 33.75
CA THR E 62 11.55 14.00 34.94
C THR E 62 13.03 13.70 35.16
N THR E 63 13.75 13.49 34.06
CA THR E 63 15.20 13.35 34.12
C THR E 63 15.93 14.65 34.49
N LEU E 64 15.79 15.71 33.67
CA LEU E 64 16.64 16.93 33.77
C LEU E 64 16.34 17.83 34.97
N LEU E 66 14.24 16.60 41.29
CA LEU E 66 15.39 16.72 42.22
C LEU E 66 14.85 16.49 43.60
N GLN E 67 14.50 15.25 43.87
CA GLN E 67 13.43 14.95 44.81
C GLN E 67 13.64 15.24 46.30
N CYS E 68 14.79 15.77 46.67
CA CYS E 68 14.99 16.26 48.04
C CYS E 68 14.44 17.67 48.23
N PHE E 69 14.15 18.35 47.12
CA PHE E 69 13.40 19.61 47.15
C PHE E 69 11.90 19.34 47.35
N ALA E 70 11.57 18.08 47.65
CA ALA E 70 10.24 17.69 48.09
C ALA E 70 9.86 18.49 49.33
N ARG E 71 8.57 18.78 49.49
CA ARG E 71 8.09 19.37 50.72
C ARG E 71 7.34 18.33 51.53
N TYR E 72 8.07 17.70 52.43
CA TYR E 72 7.49 16.70 53.33
C TYR E 72 6.70 17.41 54.45
N PRO E 73 5.42 17.00 54.68
CA PRO E 73 4.63 17.52 55.81
C PRO E 73 5.20 17.05 57.16
N ASP E 74 4.77 17.70 58.25
CA ASP E 74 5.31 17.46 59.60
C ASP E 74 5.34 15.99 60.05
N HIS E 75 4.17 15.35 60.07
CA HIS E 75 4.06 13.94 60.47
C HIS E 75 4.76 12.96 59.50
N MET E 76 5.49 13.51 58.52
CA MET E 76 6.19 12.70 57.49
C MET E 76 7.72 12.87 57.43
N LYS E 77 8.27 13.82 58.19
CA LYS E 77 9.71 14.15 58.11
C LYS E 77 10.57 12.89 58.25
N GLN E 78 10.06 11.97 59.06
CA GLN E 78 10.62 10.63 59.30
C GLN E 78 10.79 9.75 58.05
N HIS E 79 10.12 10.12 56.96
CA HIS E 79 10.09 9.31 55.75
C HIS E 79 10.93 9.88 54.59
N ASP E 80 11.49 11.07 54.80
CA ASP E 80 12.23 11.77 53.75
C ASP E 80 13.64 11.21 53.57
N PHE E 81 13.78 10.28 52.63
CA PHE E 81 15.07 9.65 52.34
C PHE E 81 16.05 10.64 51.73
N PHE E 82 15.53 11.48 50.84
CA PHE E 82 16.33 12.33 49.98
C PHE E 82 17.16 13.31 50.80
N LYS E 83 16.47 14.15 51.58
CA LYS E 83 17.11 15.20 52.40
C LYS E 83 18.24 14.69 53.31
N SER E 84 18.12 13.46 53.78
CA SER E 84 19.11 12.87 54.67
C SER E 84 19.91 11.79 53.94
N ALA E 85 20.86 12.22 53.13
CA ALA E 85 21.65 11.30 52.29
C ALA E 85 23.14 11.62 51.95
N MET E 86 23.64 12.88 51.89
CA MET E 86 23.03 14.22 52.16
C MET E 86 23.25 14.77 53.60
N PRO E 87 24.51 14.85 54.07
CA PRO E 87 25.82 15.01 53.41
C PRO E 87 25.72 15.45 51.91
N GLU E 88 26.09 14.69 50.85
CA GLU E 88 26.98 13.50 50.68
C GLU E 88 26.66 12.93 49.31
N GLY E 89 25.37 12.68 49.06
CA GLY E 89 24.86 12.26 47.75
C GLY E 89 24.00 11.00 47.67
N TYR E 90 23.11 10.94 46.68
CA TYR E 90 22.40 9.72 46.28
C TYR E 90 22.41 9.56 44.75
N VAL E 91 22.46 8.32 44.28
CA VAL E 91 22.46 8.04 42.85
C VAL E 91 21.03 7.72 42.42
N GLN E 92 20.56 8.31 41.31
CA GLN E 92 19.19 8.09 40.86
C GLN E 92 19.17 7.48 39.47
N GLU E 93 18.79 6.21 39.42
CA GLU E 93 18.75 5.46 38.16
C GLU E 93 17.33 5.16 37.72
N ARG E 94 17.05 5.46 36.46
CA ARG E 94 15.73 5.22 35.91
C ARG E 94 15.79 4.45 34.59
N THR E 95 14.69 3.76 34.28
CA THR E 95 14.46 3.21 32.95
C THR E 95 13.07 3.65 32.50
N ILE E 96 13.04 4.39 31.39
CA ILE E 96 11.81 5.00 30.90
C ILE E 96 11.39 4.37 29.58
N SER E 97 10.33 3.56 29.61
CA SER E 97 9.82 2.94 28.38
C SER E 97 8.64 3.70 27.79
N PHE E 98 8.68 3.95 26.49
CA PHE E 98 7.64 4.71 25.80
C PHE E 98 6.70 3.79 24.98
N LYS E 99 5.50 3.52 25.52
CA LYS E 99 4.52 2.57 24.93
C LYS E 99 5.04 1.80 23.71
N ASP E 100 4.83 2.37 22.51
CA ASP E 100 5.20 1.71 21.26
C ASP E 100 6.39 2.42 20.67
N ASP E 101 7.45 2.54 21.47
CA ASP E 101 8.70 3.15 21.03
C ASP E 101 9.84 2.62 21.92
N GLY E 102 10.93 3.37 22.02
CA GLY E 102 12.10 2.93 22.75
C GLY E 102 12.12 3.36 24.20
N LYS E 103 13.26 3.15 24.84
CA LYS E 103 13.45 3.47 26.25
C LYS E 103 14.60 4.47 26.42
N TYR E 104 14.65 5.11 27.59
CA TYR E 104 15.84 5.80 28.09
C TYR E 104 16.36 5.00 29.26
N LYS E 105 17.68 4.99 29.45
CA LYS E 105 18.25 4.54 30.71
C LYS E 105 19.11 5.68 31.27
N THR E 106 18.89 6.06 32.52
CA THR E 106 19.61 7.19 33.11
C THR E 106 20.32 6.85 34.42
N ARG E 107 21.53 7.39 34.59
CA ARG E 107 22.19 7.42 35.90
C ARG E 107 22.54 8.87 36.21
N ALA E 108 21.97 9.39 37.31
CA ALA E 108 22.27 10.74 37.78
C ALA E 108 22.97 10.69 39.14
N VAL E 109 23.76 11.73 39.44
CA VAL E 109 24.44 11.85 40.73
C VAL E 109 24.00 13.16 41.38
N VAL E 110 23.52 13.06 42.62
CA VAL E 110 22.86 14.20 43.29
C VAL E 110 23.53 14.53 44.64
N LYS E 111 24.59 15.33 44.59
CA LYS E 111 25.34 15.74 45.80
C LYS E 111 25.48 17.27 45.93
N PHE E 112 25.89 17.72 47.13
CA PHE E 112 26.23 19.13 47.35
C PHE E 112 27.65 19.41 46.87
N GLU E 113 27.79 20.33 45.91
CA GLU E 113 29.11 20.76 45.44
C GLU E 113 29.52 22.05 46.17
N GLY E 114 29.94 21.89 47.41
CA GLY E 114 29.98 23.00 48.37
C GLY E 114 28.61 23.04 49.00
N ASP E 115 27.81 24.04 48.63
CA ASP E 115 26.40 24.06 49.00
C ASP E 115 25.45 24.36 47.82
N THR E 116 25.90 24.03 46.60
CA THR E 116 25.04 24.06 45.41
C THR E 116 24.68 22.63 44.98
N LEU E 117 23.39 22.39 44.77
CA LEU E 117 22.88 21.08 44.42
C LEU E 117 23.24 20.70 42.98
N VAL E 118 23.97 19.60 42.83
CA VAL E 118 24.50 19.20 41.52
C VAL E 118 23.81 17.94 41.00
N ASN E 119 23.37 18.01 39.74
CA ASN E 119 22.74 16.88 39.06
C ASN E 119 23.41 16.56 37.72
N ARG E 120 24.54 15.85 37.80
CA ARG E 120 25.26 15.38 36.61
C ARG E 120 24.63 14.07 36.18
N ILE E 121 24.06 14.05 34.98
CA ILE E 121 23.33 12.90 34.48
C ILE E 121 23.91 12.37 33.16
N GLU E 122 23.92 11.04 33.05
CA GLU E 122 24.15 10.35 31.78
C GLU E 122 22.85 9.68 31.31
N LEU E 123 22.62 9.70 29.99
CA LEU E 123 21.39 9.17 29.39
C LEU E 123 21.63 8.51 28.02
N LYS E 124 21.32 7.21 27.94
CA LYS E 124 21.37 6.46 26.68
C LYS E 124 19.97 5.94 26.33
N GLY E 125 19.45 6.44 25.20
CA GLY E 125 18.17 5.97 24.66
C GLY E 125 18.39 5.12 23.43
N THR E 126 17.65 4.02 23.32
CA THR E 126 17.86 3.08 22.22
C THR E 126 16.54 2.70 21.51
N ASP E 127 16.70 2.14 20.30
CA ASP E 127 15.61 1.58 19.48
C ASP E 127 14.36 2.46 19.38
N PHE E 128 14.56 3.66 18.84
CA PHE E 128 13.47 4.62 18.61
C PHE E 128 13.01 4.63 17.15
N LYS E 129 11.71 4.74 16.98
CA LYS E 129 11.10 4.83 15.66
C LYS E 129 11.26 6.25 15.13
N GLU E 130 11.74 6.35 13.89
CA GLU E 130 12.08 7.64 13.26
C GLU E 130 10.86 8.56 13.02
N ASP E 131 9.78 7.95 12.57
CA ASP E 131 8.49 8.60 12.38
C ASP E 131 7.74 8.77 13.70
N GLY E 132 8.14 8.00 14.72
CA GLY E 132 7.44 7.91 16.01
C GLY E 132 7.29 9.21 16.78
N ASN E 133 6.41 9.20 17.79
CA ASN E 133 6.06 10.37 18.60
C ASN E 133 7.20 11.25 19.11
N ILE E 134 8.30 10.63 19.53
CA ILE E 134 9.45 11.37 20.01
C ILE E 134 10.28 11.93 18.84
N LEU E 135 10.77 11.04 17.97
CA LEU E 135 11.65 11.45 16.85
C LEU E 135 10.91 12.32 15.84
N GLY E 136 9.61 12.05 15.66
CA GLY E 136 8.76 12.89 14.80
C GLY E 136 8.40 14.23 15.42
N HIS E 137 8.89 14.48 16.63
CA HIS E 137 8.55 15.65 17.47
C HIS E 137 7.06 15.96 17.46
N LYS E 138 6.28 15.07 18.07
CA LYS E 138 4.82 15.14 18.01
C LYS E 138 4.18 15.36 19.37
N LEU E 139 5.02 15.68 20.35
CA LEU E 139 4.60 15.86 21.73
C LEU E 139 4.50 17.33 22.07
N GLU E 140 3.38 17.70 22.70
CA GLU E 140 3.13 19.07 23.09
C GLU E 140 4.07 19.64 24.16
N TYR E 141 4.33 20.94 24.06
CA TYR E 141 5.17 21.63 25.02
C TYR E 141 4.34 22.05 26.23
N ASN E 142 3.99 21.05 27.03
CA ASN E 142 3.38 21.25 28.34
C ASN E 142 3.64 20.00 29.16
N PHE E 143 3.09 19.94 30.37
CA PHE E 143 3.24 18.71 31.17
C PHE E 143 1.99 18.36 31.92
N ASN E 144 1.84 17.07 32.23
CA ASN E 144 0.74 16.61 33.05
C ASN E 144 1.16 16.29 34.50
N SER E 145 0.18 16.42 35.39
CA SER E 145 0.29 16.08 36.81
C SER E 145 0.47 14.58 37.07
N HIS E 146 1.42 14.22 37.93
CA HIS E 146 1.68 12.80 38.25
C HIS E 146 2.06 12.56 39.71
N ASN E 147 1.86 11.33 40.16
CA ASN E 147 2.27 10.87 41.50
C ASN E 147 3.41 9.89 41.44
N VAL E 148 4.41 10.09 42.30
CA VAL E 148 5.62 9.25 42.31
C VAL E 148 5.61 8.31 43.53
N TYR E 149 5.22 7.06 43.30
CA TYR E 149 5.06 6.06 44.38
C TYR E 149 6.41 5.48 44.85
N ILE E 150 6.71 5.69 46.13
CA ILE E 150 8.00 5.35 46.72
C ILE E 150 7.88 4.21 47.73
N THR E 151 8.87 3.33 47.69
CA THR E 151 8.90 2.12 48.49
C THR E 151 10.32 1.86 49.02
N ALA E 152 10.42 1.43 50.28
CA ALA E 152 11.73 1.17 50.90
C ALA E 152 12.40 -0.09 50.36
N THR E 153 13.74 -0.13 50.43
CA THR E 153 14.52 -1.28 49.97
C THR E 153 15.67 -1.68 50.92
N ARG E 154 15.59 -2.89 51.47
CA ARG E 154 16.54 -3.41 52.46
C ARG E 154 17.89 -3.77 51.83
N GLY E 182 18.50 2.01 50.80
CA GLY E 182 18.08 2.64 49.54
C GLY E 182 16.58 2.64 49.25
N ILE E 183 16.15 3.46 48.29
CA ILE E 183 14.74 3.68 47.93
C ILE E 183 14.41 3.30 46.47
N LYS E 184 13.15 2.93 46.22
CA LYS E 184 12.66 2.61 44.87
C LYS E 184 11.39 3.41 44.54
N ALA E 185 11.17 3.67 43.26
CA ALA E 185 9.94 4.35 42.87
C ALA E 185 9.40 3.93 41.49
N ASN E 186 8.09 4.10 41.31
CA ASN E 186 7.42 3.87 40.01
C ASN E 186 6.23 4.80 39.76
N PHE E 187 6.04 5.15 38.49
CA PHE E 187 4.98 6.04 38.05
C PHE E 187 4.87 6.04 36.52
N THR E 188 3.71 6.45 35.99
CA THR E 188 3.53 6.51 34.54
C THR E 188 3.22 7.94 34.11
N VAL E 189 4.02 8.48 33.20
CA VAL E 189 3.83 9.84 32.73
C VAL E 189 2.94 9.84 31.51
N ARG E 190 1.99 10.77 31.47
CA ARG E 190 1.17 10.96 30.29
C ARG E 190 1.66 12.19 29.54
N HIS E 191 2.47 11.97 28.51
CA HIS E 191 2.86 13.04 27.61
C HIS E 191 1.71 13.35 26.65
N ASN E 192 1.23 14.59 26.65
CA ASN E 192 0.25 15.04 25.65
C ASN E 192 0.82 14.98 24.24
N VAL E 193 0.05 14.39 23.31
CA VAL E 193 0.42 14.28 21.91
C VAL E 193 -0.37 15.31 21.11
N GLU E 194 0.26 15.90 20.10
CA GLU E 194 -0.35 16.90 19.21
C GLU E 194 -1.72 16.54 18.65
N ASP E 195 -1.95 15.25 18.40
CA ASP E 195 -3.20 14.83 17.75
C ASP E 195 -4.34 14.59 18.75
N GLY E 196 -4.12 14.98 20.01
CA GLY E 196 -5.12 14.86 21.06
C GLY E 196 -5.02 13.61 21.92
N SER E 197 -4.18 12.66 21.51
CA SER E 197 -3.96 11.43 22.27
C SER E 197 -2.87 11.60 23.33
N VAL E 198 -2.43 10.47 23.89
CA VAL E 198 -1.45 10.43 24.98
C VAL E 198 -0.31 9.46 24.72
N GLN E 199 0.92 9.92 24.87
CA GLN E 199 2.05 9.01 24.87
C GLN E 199 2.39 8.65 26.31
N LEU E 200 2.24 7.37 26.65
CA LEU E 200 2.66 6.87 27.97
C LEU E 200 4.17 6.62 28.09
N ALA E 201 4.72 6.98 29.24
CA ALA E 201 6.13 6.78 29.54
C ALA E 201 6.28 6.21 30.95
N ASP E 202 6.62 4.92 30.98
CA ASP E 202 6.72 4.15 32.20
C ASP E 202 8.00 4.49 32.93
N HIS E 203 7.89 4.79 34.22
CA HIS E 203 9.05 5.12 35.03
C HIS E 203 9.31 4.13 36.16
N TYR E 204 10.45 3.43 36.07
CA TYR E 204 10.96 2.59 37.16
C TYR E 204 12.30 3.14 37.64
N GLN E 205 12.45 3.29 38.96
CA GLN E 205 13.50 4.12 39.57
C GLN E 205 14.14 3.50 40.81
N GLN E 206 15.42 3.82 41.01
CA GLN E 206 16.22 3.33 42.13
C GLN E 206 17.17 4.42 42.65
N ASN E 207 17.30 4.53 43.98
CA ASN E 207 18.23 5.50 44.60
C ASN E 207 19.16 4.87 45.62
N THR E 208 20.47 4.95 45.35
CA THR E 208 21.48 4.48 46.30
C THR E 208 22.21 5.68 46.88
N PRO E 209 22.25 5.80 48.23
CA PRO E 209 23.09 6.83 48.84
C PRO E 209 24.58 6.58 48.60
N ILE E 210 25.41 7.63 48.66
CA ILE E 210 26.84 7.48 48.43
C ILE E 210 27.58 7.23 49.74
N GLY E 211 27.38 8.11 50.74
CA GLY E 211 28.00 7.97 52.07
C GLY E 211 27.54 6.70 52.77
N ASP E 212 28.12 6.40 53.94
CA ASP E 212 27.80 5.15 54.62
C ASP E 212 26.93 5.28 55.88
N GLY E 213 26.82 6.50 56.41
CA GLY E 213 26.06 6.77 57.64
C GLY E 213 24.55 6.61 57.50
N PRO E 214 23.83 6.49 58.64
CA PRO E 214 22.42 6.06 58.68
C PRO E 214 21.44 6.89 57.84
N VAL E 215 20.81 6.24 56.85
CA VAL E 215 19.68 6.84 56.08
C VAL E 215 18.33 6.51 56.70
N LEU E 216 17.31 7.29 56.33
CA LEU E 216 15.93 7.05 56.72
C LEU E 216 15.18 6.17 55.69
N LEU E 217 14.42 5.19 56.17
CA LEU E 217 13.71 4.24 55.29
C LEU E 217 12.18 4.30 55.44
N PRO E 218 11.48 4.93 54.47
CA PRO E 218 10.05 5.25 54.61
C PRO E 218 9.05 4.11 54.48
N ASP E 219 7.89 4.30 55.10
CA ASP E 219 6.69 3.55 54.81
C ASP E 219 6.24 3.99 53.43
N ASN E 220 5.50 3.14 52.72
CA ASN E 220 5.04 3.47 51.36
C ASN E 220 4.28 4.78 51.30
N HIS E 221 4.69 5.62 50.35
CA HIS E 221 4.10 6.95 50.16
C HIS E 221 4.35 7.44 48.74
N TYR E 222 3.77 8.58 48.40
CA TYR E 222 4.06 9.20 47.12
C TYR E 222 4.45 10.68 47.19
N LEU E 223 5.03 11.16 46.09
CA LEU E 223 5.22 12.60 45.87
C LEU E 223 4.28 13.04 44.78
N SER E 224 3.62 14.18 44.99
CA SER E 224 2.67 14.71 44.05
C SER E 224 3.34 15.82 43.25
N TYR E 225 3.32 15.69 41.93
CA TYR E 225 3.98 16.65 41.04
C TYR E 225 3.00 17.42 40.23
N GLN E 226 3.35 18.68 40.03
CA GLN E 226 2.67 19.57 39.09
C GLN E 226 3.78 20.42 38.46
N THR E 227 3.79 20.50 37.15
CA THR E 227 4.96 20.95 36.42
C THR E 227 4.57 21.88 35.26
N VAL E 228 5.19 23.07 35.19
CA VAL E 228 4.84 24.05 34.16
C VAL E 228 6.04 24.32 33.28
N LEU E 229 5.82 24.33 31.97
CA LEU E 229 6.87 24.68 31.03
C LEU E 229 6.52 25.97 30.30
N SER E 230 7.48 26.88 30.20
CA SER E 230 7.40 27.95 29.19
C SER E 230 8.83 28.38 28.84
N LYS E 231 8.97 29.38 27.98
CA LYS E 231 10.28 29.74 27.49
C LYS E 231 10.72 31.15 27.95
N ASP E 232 11.99 31.48 27.71
CA ASP E 232 12.56 32.78 28.06
C ASP E 232 12.43 33.75 26.88
N PRO E 233 11.56 34.77 27.01
CA PRO E 233 11.32 35.73 25.93
C PRO E 233 12.56 36.10 25.10
N ASN E 234 13.75 36.04 25.70
CA ASN E 234 15.00 36.44 25.02
C ASN E 234 16.13 35.38 24.88
N GLU E 235 15.79 34.13 24.54
CA GLU E 235 16.80 33.11 24.18
C GLU E 235 16.65 32.65 22.72
N LYS E 236 17.73 32.82 21.94
CA LYS E 236 17.77 32.43 20.52
C LYS E 236 17.97 30.92 20.34
N HIS E 239 15.91 25.59 24.12
CA HIS E 239 15.84 25.80 25.56
C HIS E 239 14.41 25.61 26.21
N MET E 240 14.38 25.60 27.55
CA MET E 240 13.15 25.38 28.34
C MET E 240 13.27 25.90 29.78
N VAL E 241 12.24 26.62 30.24
CA VAL E 241 12.11 27.05 31.66
C VAL E 241 11.16 26.08 32.39
N LEU E 242 11.41 25.87 33.69
CA LEU E 242 10.72 24.82 34.46
C LEU E 242 10.26 25.19 35.88
N LEU E 243 8.97 25.00 36.13
CA LEU E 243 8.43 25.09 37.48
C LEU E 243 8.08 23.69 37.94
N GLU E 244 8.35 23.37 39.21
CA GLU E 244 7.87 22.10 39.78
C GLU E 244 7.27 22.31 41.16
N PHE E 245 6.09 21.74 41.41
CA PHE E 245 5.48 21.82 42.73
C PHE E 245 5.30 20.41 43.32
N VAL E 246 6.09 20.10 44.34
CA VAL E 246 6.22 18.73 44.84
C VAL E 246 5.88 18.63 46.32
N THR E 247 4.91 17.78 46.66
CA THR E 247 4.46 17.63 48.04
C THR E 247 4.35 16.14 48.37
N ALA E 248 4.65 15.76 49.61
CA ALA E 248 4.45 14.36 50.04
C ALA E 248 3.05 14.14 50.61
N ALA E 249 2.52 12.94 50.37
CA ALA E 249 1.19 12.52 50.83
C ALA E 249 1.13 10.99 51.00
N GLY E 250 -0.07 10.48 51.27
CA GLY E 250 -0.27 9.03 51.31
C GLY E 250 -0.76 8.49 52.63
N ILE E 251 -0.07 8.87 53.71
CA ILE E 251 -0.36 8.38 55.06
C ILE E 251 -0.73 9.53 56.00
N THR E 252 -1.85 9.40 56.72
CA THR E 252 -2.54 10.53 57.36
C THR E 252 -2.17 10.83 58.83
N LEU E 253 -3.15 10.74 59.74
CA LEU E 253 -2.95 10.79 61.20
C LEU E 253 -4.26 11.15 61.90
#